data_6CWZ
#
_entry.id   6CWZ
#
_cell.length_a   56.139
_cell.length_b   115.378
_cell.length_c   172.973
_cell.angle_alpha   90.000
_cell.angle_beta   90.000
_cell.angle_gamma   90.000
#
_symmetry.space_group_name_H-M   'P 21 21 21'
#
loop_
_entity.id
_entity.type
_entity.pdbx_description
1 polymer 'SUMO-activating enzyme subunit 1'
2 polymer 'SUMO-activating enzyme subunit 2'
3 non-polymer 'ZINC ION'
#
loop_
_entity_poly.entity_id
_entity_poly.type
_entity_poly.pdbx_seq_one_letter_code
_entity_poly.pdbx_strand_id
1 'polypeptide(L)'
;MVEKEEAGGGISEEEAAQYDRQIRLWGLEAQKRLRASRVLLVGLKGLGAEIAKNLILAGVKGLTMLDHEQVTPEDPGAQF
LIRTGSVGRNRAEASLERAQNLNPMVDVKVDTEDIEKKPESFFTQFDAVCLTCCSRDVIVKVDQICHKNSIKFFTGDVFG
YHGYTFANLGEHEFVEEKTKVAKVSQGVEDGPDTKRAKLDSSETTMVKKKVVFCPVKEALEVDWSSEKAKAALKRTTSDY
FLLQVLLKFRTDKGRDPSSDTYEEDSELLLQIRNDVLDSLGISPDLLPEDFVRYCFSEMAPVCAVVGGILAQEIVKALSQ
RDPPHNNFFFFDGMKGNGIVECLGPK
;
C
2 'polypeptide(L)'
;MGSSHHHHHHSSGLVPRGSHMALSRGLPRELAEAVAGGRVLVVGAGGIGCELLKNLVLTGFSHIDLIDLDTIDVSNLNRQ
FLFQKKHVGRSKAQVAKESVLQFYPKANIVAYHDSIMNPDYNVEFFRQFILVMNALDNRAARNHVNRMCLAADVPLIESG
TAGYLGQVTTIKKGVTECYECHPKPTQRTFPGCTIRNTPSEPIHCIVWAKYLFNQLFGEEDADQEVSPDRADPEAAWEPT
EAEARARASNEDGDIKRISTKEWAKSTGYDPVKLFTKLFKDDIRYLLTMDKLWRKRKPPVPLDWAEVQSQGEETNASDQQ
NEPQLGLKDQQVLDVKSYARLFSKSIETLRVHLAEKGDGAELIWDKDDPSAMDFVTSAANLRMHIFSMNMKSRFDIKSMA
GNIIPAIATTNAVIAGLIVLEGLKILSGKIDQCRTIFLNKQPNPRKKLLVPCALDPPNPNCYVCASKPEVTVRLNVHKVT
VLTLQDKIVKEKFAMVAPDVQIEDGKGTILISSEEGETEANNHKKLSEFGIRNGSRLQADDFLQDYTLLINILHSEDLGK
DVEFEVVGDAPEKVGPKQAEDAAKSITNGSDDGAQPSTSTAQEQDDVLIVDSDEEDSSNNADVSEEERSRKRKLDEKENL
SAKRSRIEQKEELDDVIALD
;
D
#
# COMPACT_ATOMS: atom_id res chain seq x y z
N GLY A 10 11.00 -8.02 -24.25
CA GLY A 10 12.23 -7.25 -24.27
C GLY A 10 12.03 -5.79 -23.91
N ILE A 11 12.05 -5.49 -22.63
CA ILE A 11 11.89 -4.14 -22.13
C ILE A 11 13.26 -3.54 -21.85
N SER A 12 13.33 -2.22 -21.88
CA SER A 12 14.57 -1.52 -21.57
C SER A 12 14.81 -1.51 -20.07
N GLU A 13 15.94 -0.93 -19.66
CA GLU A 13 16.25 -0.85 -18.24
C GLU A 13 15.52 0.29 -17.55
N GLU A 14 15.17 1.33 -18.29
CA GLU A 14 14.40 2.42 -17.70
C GLU A 14 12.98 1.99 -17.35
N GLU A 15 12.42 1.02 -18.10
CA GLU A 15 11.10 0.51 -17.81
C GLU A 15 11.11 -0.54 -16.71
N ALA A 16 12.24 -1.22 -16.51
CA ALA A 16 12.31 -2.24 -15.47
C ALA A 16 12.31 -1.62 -14.08
N ALA A 17 13.05 -0.52 -13.90
CA ALA A 17 13.08 0.13 -12.59
C ALA A 17 11.79 0.90 -12.31
N GLN A 18 11.13 1.42 -13.36
CA GLN A 18 9.89 2.16 -13.16
C GLN A 18 8.77 1.23 -12.72
N TYR A 19 8.53 0.16 -13.48
CA TYR A 19 7.48 -0.80 -13.18
C TYR A 19 7.95 -1.93 -12.27
N ASP A 20 9.00 -1.70 -11.49
CA ASP A 20 9.57 -2.76 -10.66
C ASP A 20 8.56 -3.28 -9.65
N ARG A 21 7.81 -2.39 -9.01
CA ARG A 21 6.89 -2.81 -7.96
C ARG A 21 5.67 -3.55 -8.49
N GLN A 22 5.31 -3.35 -9.76
CA GLN A 22 4.15 -4.03 -10.33
C GLN A 22 4.52 -5.27 -11.13
N ILE A 23 5.75 -5.37 -11.62
CA ILE A 23 6.20 -6.63 -12.22
C ILE A 23 6.24 -7.73 -11.17
N ARG A 24 6.58 -7.38 -9.93
CA ARG A 24 6.55 -8.33 -8.83
C ARG A 24 5.13 -8.68 -8.38
N LEU A 25 4.12 -8.14 -9.05
CA LEU A 25 2.72 -8.39 -8.73
C LEU A 25 2.00 -9.21 -9.79
N TRP A 26 2.08 -8.79 -11.06
CA TRP A 26 1.42 -9.53 -12.13
C TRP A 26 2.42 -10.06 -13.15
N GLY A 27 3.68 -10.22 -12.76
CA GLY A 27 4.67 -10.84 -13.63
C GLY A 27 5.13 -9.93 -14.76
N LEU A 28 6.12 -10.44 -15.49
CA LEU A 28 6.71 -9.76 -16.64
C LEU A 28 5.95 -10.00 -17.93
N GLU A 29 5.52 -11.24 -18.17
CA GLU A 29 4.81 -11.55 -19.41
C GLU A 29 3.51 -10.76 -19.52
N ALA A 30 2.76 -10.68 -18.41
CA ALA A 30 1.54 -9.89 -18.42
C ALA A 30 1.81 -8.40 -18.54
N GLN A 31 3.00 -7.95 -18.15
CA GLN A 31 3.36 -6.55 -18.35
C GLN A 31 3.69 -6.27 -19.81
N LYS A 32 4.35 -7.24 -20.49
CA LYS A 32 4.65 -7.06 -21.90
C LYS A 32 3.38 -7.08 -22.75
N ARG A 33 2.39 -7.89 -22.37
CA ARG A 33 1.10 -7.82 -23.02
C ARG A 33 0.44 -6.47 -22.82
N LEU A 34 0.66 -5.85 -21.65
CA LEU A 34 0.10 -4.54 -21.38
C LEU A 34 0.87 -3.43 -22.08
N ARG A 35 2.17 -3.64 -22.33
CA ARG A 35 2.97 -2.61 -22.99
C ARG A 35 2.55 -2.39 -24.43
N ALA A 36 2.01 -3.42 -25.09
CA ALA A 36 1.67 -3.35 -26.50
C ALA A 36 0.18 -3.07 -26.72
N SER A 37 -0.53 -2.59 -25.71
CA SER A 37 -1.96 -2.33 -25.81
C SER A 37 -2.23 -0.83 -25.90
N ARG A 38 -3.26 -0.50 -26.66
CA ARG A 38 -3.76 0.88 -26.76
C ARG A 38 -5.24 0.90 -26.38
N VAL A 39 -5.61 1.84 -25.52
CA VAL A 39 -6.95 1.92 -24.95
C VAL A 39 -7.63 3.19 -25.44
N LEU A 40 -8.92 3.08 -25.76
CA LEU A 40 -9.74 4.22 -26.13
C LEU A 40 -10.64 4.57 -24.95
N LEU A 41 -10.54 5.82 -24.49
CA LEU A 41 -11.30 6.27 -23.33
C LEU A 41 -12.06 7.54 -23.68
N VAL A 42 -13.39 7.46 -23.66
CA VAL A 42 -14.24 8.63 -23.84
C VAL A 42 -14.84 9.00 -22.50
N GLY A 43 -15.20 10.28 -22.36
CA GLY A 43 -15.74 10.77 -21.11
C GLY A 43 -14.66 11.26 -20.17
N LEU A 44 -13.71 12.02 -20.68
CA LEU A 44 -12.65 12.61 -19.86
C LEU A 44 -13.27 13.62 -18.90
N LYS A 45 -13.57 13.18 -17.68
CA LYS A 45 -14.28 14.02 -16.72
C LYS A 45 -13.84 13.67 -15.30
N GLY A 46 -14.80 13.39 -14.42
CA GLY A 46 -14.45 12.97 -13.08
C GLY A 46 -13.95 11.55 -13.04
N LEU A 47 -14.71 10.62 -13.61
CA LEU A 47 -14.31 9.22 -13.64
C LEU A 47 -13.27 8.96 -14.71
N GLY A 48 -13.37 9.64 -15.85
CA GLY A 48 -12.43 9.40 -16.93
C GLY A 48 -11.00 9.79 -16.57
N ALA A 49 -10.84 10.89 -15.83
CA ALA A 49 -9.51 11.30 -15.41
C ALA A 49 -8.88 10.28 -14.48
N GLU A 50 -9.69 9.68 -13.60
CA GLU A 50 -9.17 8.63 -12.72
C GLU A 50 -8.72 7.42 -13.50
N ILE A 51 -9.52 7.00 -14.48
CA ILE A 51 -9.15 5.85 -15.31
C ILE A 51 -7.90 6.16 -16.13
N ALA A 52 -7.83 7.36 -16.71
CA ALA A 52 -6.70 7.72 -17.55
C ALA A 52 -5.40 7.76 -16.74
N LYS A 53 -5.48 8.20 -15.49
CA LYS A 53 -4.30 8.33 -14.65
C LYS A 53 -3.61 6.98 -14.42
N ASN A 54 -4.30 6.07 -13.74
CA ASN A 54 -3.71 4.76 -13.41
C ASN A 54 -3.65 3.82 -14.61
N LEU A 55 -4.03 4.27 -15.80
CA LEU A 55 -3.75 3.51 -17.02
C LEU A 55 -2.44 3.96 -17.66
N ILE A 56 -2.17 5.26 -17.68
CA ILE A 56 -0.88 5.75 -18.17
C ILE A 56 0.23 5.33 -17.23
N LEU A 57 -0.04 5.31 -15.93
CA LEU A 57 0.94 4.80 -14.96
C LEU A 57 1.09 3.28 -15.09
N ALA A 58 0.05 2.59 -15.55
CA ALA A 58 0.12 1.14 -15.68
C ALA A 58 1.14 0.72 -16.73
N GLY A 59 1.29 1.48 -17.80
CA GLY A 59 2.30 1.19 -18.79
C GLY A 59 1.76 0.67 -20.11
N VAL A 60 0.63 1.20 -20.57
CA VAL A 60 0.11 0.88 -21.89
C VAL A 60 0.98 1.58 -22.92
N LYS A 61 0.79 1.25 -24.21
CA LYS A 61 1.56 1.94 -25.23
C LYS A 61 0.98 3.32 -25.52
N GLY A 62 -0.33 3.39 -25.72
CA GLY A 62 -0.99 4.66 -26.00
C GLY A 62 -2.37 4.70 -25.40
N LEU A 63 -2.82 5.90 -25.10
CA LEU A 63 -4.17 6.14 -24.57
C LEU A 63 -4.78 7.32 -25.31
N THR A 64 -5.91 7.09 -25.96
CA THR A 64 -6.60 8.13 -26.72
C THR A 64 -7.75 8.66 -25.88
N MET A 65 -7.66 9.94 -25.50
CA MET A 65 -8.67 10.60 -24.70
C MET A 65 -9.61 11.37 -25.62
N LEU A 66 -10.90 11.03 -25.56
CA LEU A 66 -11.90 11.59 -26.47
C LEU A 66 -13.01 12.23 -25.65
N ASP A 67 -13.38 13.46 -26.02
CA ASP A 67 -14.49 14.15 -25.37
C ASP A 67 -14.90 15.37 -26.20
N HIS A 68 -16.17 15.41 -26.63
CA HIS A 68 -16.64 16.52 -27.45
C HIS A 68 -17.05 17.71 -26.58
N GLU A 69 -17.57 17.47 -25.38
CA GLU A 69 -18.01 18.56 -24.53
C GLU A 69 -16.83 19.45 -24.13
N GLN A 70 -17.10 20.74 -23.99
CA GLN A 70 -16.08 21.69 -23.60
C GLN A 70 -16.11 21.90 -22.08
N VAL A 71 -15.01 22.45 -21.57
CA VAL A 71 -14.85 22.66 -20.13
C VAL A 71 -15.91 23.62 -19.61
N THR A 72 -16.94 23.08 -18.96
CA THR A 72 -17.94 23.90 -18.33
C THR A 72 -17.46 24.36 -16.95
N PRO A 73 -17.84 25.56 -16.51
CA PRO A 73 -17.40 26.03 -15.19
C PRO A 73 -18.18 25.40 -14.05
N GLU A 74 -18.48 24.10 -14.16
CA GLU A 74 -19.20 23.37 -13.12
C GLU A 74 -18.37 22.24 -12.53
N ASP A 75 -17.09 22.15 -12.86
CA ASP A 75 -16.17 21.19 -12.26
C ASP A 75 -14.86 21.91 -11.95
N PRO A 76 -14.86 22.78 -10.94
CA PRO A 76 -13.66 23.59 -10.69
C PRO A 76 -12.47 22.77 -10.24
N GLY A 77 -12.66 21.86 -9.29
CA GLY A 77 -11.60 20.97 -8.87
C GLY A 77 -11.98 19.51 -9.01
N ALA A 78 -13.12 19.25 -9.65
CA ALA A 78 -13.58 17.87 -9.83
C ALA A 78 -12.64 17.06 -10.69
N GLN A 79 -11.84 17.71 -11.54
CA GLN A 79 -10.83 17.03 -12.35
C GLN A 79 -9.48 17.67 -12.10
N PHE A 80 -8.47 16.83 -11.86
CA PHE A 80 -7.12 17.30 -11.57
C PHE A 80 -6.24 17.41 -12.80
N LEU A 81 -6.65 16.82 -13.93
CA LEU A 81 -5.90 16.96 -15.17
C LEU A 81 -6.10 18.32 -15.82
N ILE A 82 -7.03 19.13 -15.32
CA ILE A 82 -7.33 20.44 -15.87
C ILE A 82 -6.77 21.49 -14.93
N ARG A 83 -5.84 22.31 -15.44
CA ARG A 83 -5.35 23.43 -14.64
C ARG A 83 -6.41 24.52 -14.57
N THR A 84 -6.24 25.42 -13.60
CA THR A 84 -7.22 26.45 -13.35
C THR A 84 -7.30 27.42 -14.53
N GLY A 85 -8.51 27.77 -14.93
CA GLY A 85 -8.71 28.72 -16.01
C GLY A 85 -8.72 28.12 -17.39
N SER A 86 -9.20 26.89 -17.55
CA SER A 86 -9.28 26.24 -18.85
C SER A 86 -10.70 26.20 -19.39
N VAL A 87 -11.59 27.03 -18.86
CA VAL A 87 -12.96 27.09 -19.34
C VAL A 87 -12.97 27.62 -20.77
N GLY A 88 -13.74 26.96 -21.64
CA GLY A 88 -13.79 27.30 -23.04
C GLY A 88 -12.89 26.44 -23.92
N ARG A 89 -11.93 25.75 -23.32
CA ARG A 89 -11.07 24.84 -24.05
C ARG A 89 -11.66 23.44 -24.04
N ASN A 90 -11.19 22.60 -24.95
CA ASN A 90 -11.65 21.21 -25.02
C ASN A 90 -11.18 20.45 -23.78
N ARG A 91 -12.08 19.66 -23.21
CA ARG A 91 -11.78 18.94 -21.98
C ARG A 91 -10.65 17.94 -22.17
N ALA A 92 -10.57 17.32 -23.35
CA ALA A 92 -9.51 16.34 -23.60
C ALA A 92 -8.18 17.04 -23.90
N GLU A 93 -8.22 18.19 -24.57
CA GLU A 93 -6.99 18.92 -24.86
C GLU A 93 -6.39 19.51 -23.58
N ALA A 94 -7.24 20.06 -22.71
CA ALA A 94 -6.76 20.61 -21.45
C ALA A 94 -6.22 19.54 -20.50
N SER A 95 -6.54 18.27 -20.75
CA SER A 95 -6.05 17.17 -19.93
C SER A 95 -4.85 16.47 -20.54
N LEU A 96 -4.31 16.98 -21.65
CA LEU A 96 -3.23 16.29 -22.37
C LEU A 96 -1.89 16.45 -21.66
N GLU A 97 -1.49 17.70 -21.38
CA GLU A 97 -0.16 17.95 -20.83
C GLU A 97 0.03 17.27 -19.49
N ARG A 98 -0.99 17.29 -18.63
CA ARG A 98 -0.88 16.68 -17.32
C ARG A 98 -0.83 15.16 -17.43
N ALA A 99 -1.66 14.57 -18.30
CA ALA A 99 -1.68 13.13 -18.45
C ALA A 99 -0.43 12.60 -19.14
N GLN A 100 0.17 13.41 -20.02
CA GLN A 100 1.38 12.97 -20.71
C GLN A 100 2.56 12.88 -19.75
N ASN A 101 2.63 13.80 -18.78
CA ASN A 101 3.75 13.81 -17.84
C ASN A 101 3.71 12.66 -16.86
N LEU A 102 2.57 11.97 -16.73
CA LEU A 102 2.50 10.84 -15.82
C LEU A 102 3.40 9.69 -16.27
N ASN A 103 3.66 9.58 -17.57
CA ASN A 103 4.55 8.57 -18.12
C ASN A 103 4.98 8.98 -19.52
N PRO A 104 6.24 9.36 -19.70
CA PRO A 104 6.70 9.79 -21.04
C PRO A 104 6.73 8.67 -22.06
N MET A 105 6.64 7.41 -21.64
CA MET A 105 6.69 6.27 -22.55
C MET A 105 5.32 5.89 -23.09
N VAL A 106 4.30 6.70 -22.84
CA VAL A 106 2.94 6.45 -23.30
C VAL A 106 2.50 7.67 -24.10
N ASP A 107 2.38 7.51 -25.42
CA ASP A 107 1.90 8.61 -26.24
C ASP A 107 0.40 8.77 -26.03
N VAL A 108 0.02 9.87 -25.38
CA VAL A 108 -1.38 10.13 -25.05
C VAL A 108 -1.98 10.95 -26.18
N LYS A 109 -2.88 10.35 -26.95
CA LYS A 109 -3.54 11.03 -28.04
C LYS A 109 -4.86 11.61 -27.59
N VAL A 110 -5.34 12.62 -28.32
CA VAL A 110 -6.53 13.37 -27.97
C VAL A 110 -7.42 13.47 -29.20
N ASP A 111 -8.71 13.21 -29.02
CA ASP A 111 -9.70 13.34 -30.08
C ASP A 111 -10.77 14.35 -29.64
N THR A 112 -11.31 15.08 -30.62
CA THR A 112 -12.30 16.12 -30.36
C THR A 112 -13.70 15.78 -30.84
N GLU A 113 -13.82 15.07 -31.97
CA GLU A 113 -15.13 14.70 -32.49
C GLU A 113 -15.85 13.79 -31.50
N ASP A 114 -17.17 13.94 -31.42
CA ASP A 114 -17.94 13.15 -30.49
C ASP A 114 -17.93 11.67 -30.88
N ILE A 115 -18.18 10.81 -29.90
CA ILE A 115 -18.05 9.38 -30.11
C ILE A 115 -19.15 8.84 -31.03
N GLU A 116 -20.29 9.52 -31.13
CA GLU A 116 -21.39 9.01 -31.94
C GLU A 116 -21.04 9.01 -33.42
N LYS A 117 -20.40 10.08 -33.91
CA LYS A 117 -20.06 10.22 -35.32
C LYS A 117 -18.74 9.56 -35.70
N LYS A 118 -18.36 8.48 -35.02
CA LYS A 118 -17.15 7.76 -35.38
C LYS A 118 -17.51 6.52 -36.18
N PRO A 119 -16.81 6.26 -37.29
CA PRO A 119 -17.10 5.05 -38.07
C PRO A 119 -16.62 3.80 -37.35
N GLU A 120 -17.07 2.65 -37.86
CA GLU A 120 -16.66 1.37 -37.28
C GLU A 120 -15.15 1.17 -37.38
N SER A 121 -14.53 1.71 -38.43
CA SER A 121 -13.11 1.52 -38.65
C SER A 121 -12.23 2.31 -37.69
N PHE A 122 -12.80 3.26 -36.96
CA PHE A 122 -12.00 4.03 -36.02
C PHE A 122 -11.63 3.21 -34.78
N PHE A 123 -12.54 2.34 -34.33
CA PHE A 123 -12.32 1.57 -33.13
C PHE A 123 -11.36 0.40 -33.33
N THR A 124 -11.08 0.03 -34.58
CA THR A 124 -10.26 -1.15 -34.84
C THR A 124 -8.84 -1.00 -34.31
N GLN A 125 -8.35 0.24 -34.19
CA GLN A 125 -7.00 0.49 -33.72
C GLN A 125 -6.88 0.39 -32.19
N PHE A 126 -7.95 0.05 -31.49
CA PHE A 126 -7.96 0.02 -30.04
C PHE A 126 -8.22 -1.39 -29.55
N ASP A 127 -7.32 -1.90 -28.70
CA ASP A 127 -7.49 -3.20 -28.08
C ASP A 127 -8.55 -3.19 -26.98
N ALA A 128 -8.94 -2.01 -26.50
CA ALA A 128 -9.96 -1.90 -25.47
C ALA A 128 -10.57 -0.51 -25.53
N VAL A 129 -11.86 -0.44 -25.17
CA VAL A 129 -12.62 0.80 -25.19
C VAL A 129 -13.34 0.96 -23.87
N CYS A 130 -13.26 2.15 -23.28
CA CYS A 130 -13.89 2.45 -22.01
C CYS A 130 -14.75 3.70 -22.17
N LEU A 131 -16.04 3.57 -21.85
CA LEU A 131 -17.00 4.66 -22.00
C LEU A 131 -17.32 5.30 -20.65
N THR A 132 -17.60 6.60 -20.69
CA THR A 132 -17.92 7.36 -19.50
C THR A 132 -18.82 8.53 -19.88
N CYS A 133 -19.87 8.75 -19.08
CA CYS A 133 -20.80 9.85 -19.27
C CYS A 133 -21.49 9.79 -20.62
N CYS A 134 -21.93 8.59 -21.01
CA CYS A 134 -22.61 8.37 -22.27
C CYS A 134 -24.04 7.90 -22.02
N SER A 135 -24.93 8.24 -22.95
CA SER A 135 -26.30 7.76 -22.87
C SER A 135 -26.34 6.26 -23.16
N ARG A 136 -27.49 5.65 -22.87
CA ARG A 136 -27.63 4.21 -23.08
C ARG A 136 -27.41 3.85 -24.54
N ASP A 137 -28.00 4.63 -25.47
CA ASP A 137 -27.87 4.32 -26.89
C ASP A 137 -26.42 4.35 -27.35
N VAL A 138 -25.60 5.22 -26.76
CA VAL A 138 -24.19 5.27 -27.13
C VAL A 138 -23.44 4.06 -26.56
N ILE A 139 -23.78 3.65 -25.34
CA ILE A 139 -23.12 2.50 -24.74
C ILE A 139 -23.44 1.23 -25.52
N VAL A 140 -24.70 1.06 -25.91
CA VAL A 140 -25.07 -0.12 -26.69
C VAL A 140 -24.45 -0.06 -28.09
N LYS A 141 -24.44 1.13 -28.70
CA LYS A 141 -23.86 1.28 -30.03
C LYS A 141 -22.39 0.90 -30.05
N VAL A 142 -21.63 1.30 -29.03
CA VAL A 142 -20.19 1.04 -29.02
C VAL A 142 -19.90 -0.41 -28.65
N ASP A 143 -20.65 -0.97 -27.69
CA ASP A 143 -20.43 -2.36 -27.31
C ASP A 143 -20.76 -3.31 -28.46
N GLN A 144 -21.80 -2.99 -29.23
CA GLN A 144 -22.11 -3.80 -30.40
C GLN A 144 -21.01 -3.72 -31.44
N ILE A 145 -20.41 -2.53 -31.60
CA ILE A 145 -19.28 -2.39 -32.52
C ILE A 145 -18.06 -3.14 -32.00
N CYS A 146 -17.79 -3.04 -30.69
CA CYS A 146 -16.64 -3.72 -30.12
C CYS A 146 -16.80 -5.23 -30.16
N HIS A 147 -18.00 -5.74 -29.88
CA HIS A 147 -18.22 -7.18 -29.92
C HIS A 147 -18.12 -7.71 -31.35
N LYS A 148 -18.37 -6.87 -32.34
CA LYS A 148 -18.23 -7.30 -33.73
C LYS A 148 -16.77 -7.55 -34.08
N ASN A 149 -15.87 -6.74 -33.55
CA ASN A 149 -14.45 -6.79 -33.91
C ASN A 149 -13.58 -7.33 -32.78
N SER A 150 -14.15 -8.10 -31.85
CA SER A 150 -13.41 -8.71 -30.74
C SER A 150 -12.63 -7.67 -29.95
N ILE A 151 -13.27 -6.52 -29.71
CA ILE A 151 -12.65 -5.43 -28.95
C ILE A 151 -13.25 -5.41 -27.56
N LYS A 152 -12.38 -5.32 -26.55
CA LYS A 152 -12.83 -5.35 -25.17
C LYS A 152 -13.52 -4.04 -24.80
N PHE A 153 -14.73 -4.15 -24.26
CA PHE A 153 -15.59 -3.01 -24.00
C PHE A 153 -15.79 -2.83 -22.50
N PHE A 154 -15.63 -1.59 -22.04
CA PHE A 154 -15.88 -1.24 -20.64
C PHE A 154 -16.69 0.05 -20.60
N THR A 155 -17.41 0.23 -19.50
CA THR A 155 -18.15 1.48 -19.28
C THR A 155 -18.39 1.66 -17.80
N GLY A 156 -18.65 2.90 -17.41
CA GLY A 156 -18.89 3.21 -16.01
C GLY A 156 -19.19 4.68 -15.85
N ASP A 157 -19.86 4.98 -14.73
CA ASP A 157 -20.22 6.35 -14.40
C ASP A 157 -20.20 6.50 -12.88
N VAL A 158 -20.44 7.72 -12.41
CA VAL A 158 -20.45 8.04 -11.00
C VAL A 158 -21.66 8.92 -10.71
N PHE A 159 -22.42 8.57 -9.67
CA PHE A 159 -23.58 9.35 -9.25
C PHE A 159 -23.53 9.48 -7.74
N GLY A 160 -23.20 10.66 -7.25
CA GLY A 160 -23.14 10.92 -5.82
C GLY A 160 -22.23 9.94 -5.10
N TYR A 161 -22.80 9.20 -4.15
CA TYR A 161 -22.06 8.18 -3.41
C TYR A 161 -22.03 6.83 -4.11
N HIS A 162 -22.70 6.70 -5.26
CA HIS A 162 -22.82 5.44 -5.96
C HIS A 162 -21.95 5.42 -7.21
N GLY A 163 -21.77 4.22 -7.75
CA GLY A 163 -20.98 4.05 -8.97
C GLY A 163 -21.16 2.65 -9.50
N TYR A 164 -20.82 2.49 -10.78
CA TYR A 164 -20.97 1.20 -11.44
C TYR A 164 -19.89 1.04 -12.50
N THR A 165 -19.57 -0.22 -12.80
CA THR A 165 -18.70 -0.57 -13.91
C THR A 165 -19.26 -1.78 -14.63
N PHE A 166 -19.22 -1.76 -15.96
CA PHE A 166 -19.62 -2.89 -16.77
C PHE A 166 -18.50 -3.28 -17.71
N ALA A 167 -18.40 -4.58 -17.97
CA ALA A 167 -17.36 -5.13 -18.84
C ALA A 167 -17.97 -6.15 -19.78
N ASN A 168 -17.51 -6.14 -21.03
CA ASN A 168 -17.90 -7.14 -22.03
C ASN A 168 -16.65 -7.52 -22.80
N LEU A 169 -16.21 -8.77 -22.64
CA LEU A 169 -15.00 -9.25 -23.30
C LEU A 169 -15.27 -10.38 -24.29
N GLY A 170 -16.53 -10.77 -24.47
CA GLY A 170 -16.83 -11.86 -25.38
C GLY A 170 -16.33 -13.17 -24.83
N GLU A 171 -15.66 -13.96 -25.67
CA GLU A 171 -15.00 -15.19 -25.24
C GLU A 171 -13.60 -14.83 -24.78
N HIS A 172 -13.44 -14.63 -23.48
CA HIS A 172 -12.20 -14.16 -22.88
C HIS A 172 -11.55 -15.31 -22.11
N GLU A 173 -10.36 -15.72 -22.55
CA GLU A 173 -9.57 -16.72 -21.84
C GLU A 173 -8.40 -16.02 -21.16
N PHE A 174 -8.24 -16.26 -19.87
CA PHE A 174 -7.17 -15.67 -19.08
C PHE A 174 -6.27 -16.75 -18.52
N VAL A 175 -5.41 -16.38 -17.58
CA VAL A 175 -4.56 -17.36 -16.92
C VAL A 175 -4.39 -17.02 -15.44
N GLU A 176 -5.00 -17.83 -14.58
CA GLU A 176 -4.84 -17.73 -13.13
C GLU A 176 -3.91 -18.84 -12.66
N GLU A 177 -3.58 -18.83 -11.37
CA GLU A 177 -2.75 -19.88 -10.83
C GLU A 177 -2.95 -20.00 -9.33
N LYS A 178 -2.97 -21.24 -8.85
CA LYS A 178 -3.01 -21.53 -7.42
C LYS A 178 -2.21 -22.80 -7.18
N THR A 179 -1.75 -22.96 -5.94
CA THR A 179 -0.96 -24.13 -5.57
C THR A 179 -1.35 -24.64 -4.20
N THR A 204 4.51 -20.72 -9.26
CA THR A 204 4.03 -21.97 -8.68
C THR A 204 3.33 -22.83 -9.73
N THR A 205 2.21 -22.33 -10.25
CA THR A 205 1.42 -23.04 -11.25
C THR A 205 1.01 -22.06 -12.34
N MET A 206 0.11 -22.51 -13.21
CA MET A 206 -0.41 -21.71 -14.31
C MET A 206 -1.64 -22.40 -14.90
N VAL A 207 -2.82 -21.81 -14.71
CA VAL A 207 -4.08 -22.43 -15.07
C VAL A 207 -4.85 -21.51 -16.01
N LYS A 208 -5.34 -22.07 -17.11
CA LYS A 208 -6.21 -21.36 -18.03
C LYS A 208 -7.68 -21.68 -17.72
N LYS A 209 -8.53 -20.66 -17.80
CA LYS A 209 -9.95 -20.83 -17.58
C LYS A 209 -10.72 -20.13 -18.69
N LYS A 210 -12.04 -20.36 -18.72
CA LYS A 210 -12.93 -19.78 -19.71
C LYS A 210 -14.00 -18.95 -18.99
N VAL A 211 -14.23 -17.75 -19.50
CA VAL A 211 -15.28 -16.87 -19.01
C VAL A 211 -15.89 -16.16 -20.21
N VAL A 212 -17.20 -16.29 -20.40
CA VAL A 212 -17.90 -15.74 -21.54
C VAL A 212 -18.80 -14.61 -21.05
N PHE A 213 -18.62 -13.43 -21.64
CA PHE A 213 -19.45 -12.26 -21.35
C PHE A 213 -20.57 -12.14 -22.38
N CYS A 214 -21.46 -11.18 -22.13
CA CYS A 214 -22.58 -10.91 -23.00
C CYS A 214 -22.63 -9.43 -23.34
N PRO A 215 -23.23 -9.06 -24.47
CA PRO A 215 -23.36 -7.64 -24.81
C PRO A 215 -24.16 -6.89 -23.76
N VAL A 216 -23.90 -5.58 -23.67
CA VAL A 216 -24.52 -4.76 -22.63
C VAL A 216 -26.03 -4.66 -22.83
N LYS A 217 -26.50 -4.79 -24.07
CA LYS A 217 -27.93 -4.69 -24.33
C LYS A 217 -28.71 -5.81 -23.65
N GLU A 218 -28.09 -6.99 -23.52
CA GLU A 218 -28.76 -8.09 -22.83
C GLU A 218 -28.67 -7.96 -21.32
N ALA A 219 -27.64 -7.27 -20.81
CA ALA A 219 -27.49 -7.08 -19.38
C ALA A 219 -28.38 -5.97 -18.82
N LEU A 220 -28.81 -5.04 -19.66
CA LEU A 220 -29.67 -3.95 -19.22
C LEU A 220 -31.14 -4.29 -19.30
N GLU A 221 -31.52 -5.18 -20.22
CA GLU A 221 -32.90 -5.64 -20.38
C GLU A 221 -32.95 -7.12 -20.01
N VAL A 222 -33.26 -7.40 -18.75
CA VAL A 222 -33.33 -8.75 -18.23
C VAL A 222 -34.80 -9.15 -18.09
N ASP A 223 -35.11 -10.38 -18.45
CA ASP A 223 -36.47 -10.91 -18.28
C ASP A 223 -36.63 -11.29 -16.81
N TRP A 224 -37.21 -10.39 -16.02
CA TRP A 224 -37.41 -10.62 -14.59
C TRP A 224 -38.70 -11.34 -14.28
N SER A 225 -39.14 -12.25 -15.16
CA SER A 225 -40.37 -13.02 -14.97
C SER A 225 -40.05 -14.50 -15.12
N SER A 226 -39.80 -15.17 -14.01
CA SER A 226 -39.51 -16.60 -13.98
C SER A 226 -39.43 -17.04 -12.53
N GLU A 227 -39.24 -18.35 -12.33
CA GLU A 227 -38.93 -18.85 -10.99
C GLU A 227 -37.48 -18.55 -10.63
N LYS A 228 -36.58 -18.55 -11.61
CA LYS A 228 -35.20 -18.17 -11.36
C LYS A 228 -35.04 -16.66 -11.28
N ALA A 229 -35.75 -15.92 -12.14
CA ALA A 229 -35.59 -14.47 -12.19
C ALA A 229 -36.10 -13.81 -10.93
N LYS A 230 -37.26 -14.23 -10.42
CA LYS A 230 -37.78 -13.65 -9.19
C LYS A 230 -36.94 -14.06 -7.99
N ALA A 231 -36.44 -15.29 -7.97
CA ALA A 231 -35.62 -15.74 -6.85
C ALA A 231 -34.25 -15.08 -6.86
N ALA A 232 -33.71 -14.80 -8.04
CA ALA A 232 -32.41 -14.12 -8.13
C ALA A 232 -32.54 -12.61 -7.98
N LEU A 233 -33.75 -12.06 -8.05
CA LEU A 233 -33.92 -10.62 -7.90
C LEU A 233 -33.70 -10.17 -6.45
N LYS A 234 -34.09 -11.00 -5.49
CA LYS A 234 -33.91 -10.64 -4.09
C LYS A 234 -32.43 -10.53 -3.73
N ARG A 235 -31.57 -11.28 -4.40
CA ARG A 235 -30.13 -11.23 -4.16
C ARG A 235 -29.43 -10.16 -4.97
N THR A 236 -30.15 -9.42 -5.81
CA THR A 236 -29.56 -8.39 -6.65
C THR A 236 -29.60 -7.05 -5.93
N THR A 237 -28.49 -6.32 -6.01
CA THR A 237 -28.41 -5.00 -5.37
C THR A 237 -29.33 -4.01 -6.06
N SER A 238 -29.76 -3.00 -5.31
CA SER A 238 -30.66 -1.98 -5.83
C SER A 238 -29.95 -0.95 -6.70
N ASP A 239 -28.62 -0.93 -6.71
CA ASP A 239 -27.89 0.02 -7.56
C ASP A 239 -28.07 -0.29 -9.04
N TYR A 240 -28.41 -1.52 -9.39
CA TYR A 240 -28.70 -1.85 -10.79
C TYR A 240 -29.93 -1.12 -11.28
N PHE A 241 -31.02 -1.17 -10.50
CA PHE A 241 -32.21 -0.41 -10.85
C PHE A 241 -31.97 1.09 -10.72
N LEU A 242 -31.10 1.49 -9.81
CA LEU A 242 -30.65 2.88 -9.76
C LEU A 242 -29.93 3.26 -11.04
N LEU A 243 -29.15 2.33 -11.60
CA LEU A 243 -28.50 2.57 -12.88
C LEU A 243 -29.52 2.72 -14.00
N GLN A 244 -30.60 1.94 -13.96
CA GLN A 244 -31.64 2.05 -14.97
C GLN A 244 -32.34 3.41 -14.89
N VAL A 245 -32.60 3.89 -13.67
CA VAL A 245 -33.30 5.16 -13.51
C VAL A 245 -32.42 6.32 -13.99
N LEU A 246 -31.11 6.23 -13.75
CA LEU A 246 -30.21 7.31 -14.14
C LEU A 246 -29.92 7.29 -15.64
N LEU A 247 -29.79 6.09 -16.22
CA LEU A 247 -29.63 6.00 -17.68
C LEU A 247 -30.87 6.51 -18.40
N LYS A 248 -32.05 6.23 -17.83
CA LYS A 248 -33.28 6.78 -18.40
C LYS A 248 -33.33 8.28 -18.27
N PHE A 249 -32.79 8.82 -17.17
CA PHE A 249 -32.73 10.27 -17.00
C PHE A 249 -31.80 10.91 -18.02
N ARG A 250 -30.61 10.33 -18.21
CA ARG A 250 -29.69 10.82 -19.22
C ARG A 250 -30.24 10.66 -20.63
N THR A 251 -31.23 9.78 -20.81
CA THR A 251 -31.87 9.61 -22.11
C THR A 251 -32.93 10.67 -22.34
N ASP A 252 -33.81 10.89 -21.34
CA ASP A 252 -34.87 11.88 -21.49
C ASP A 252 -34.30 13.30 -21.62
N LYS A 253 -33.24 13.59 -20.87
CA LYS A 253 -32.61 14.90 -20.89
C LYS A 253 -31.11 14.73 -21.04
N GLY A 254 -30.49 15.61 -21.82
CA GLY A 254 -29.09 15.47 -22.18
C GLY A 254 -28.09 15.74 -21.08
N ARG A 255 -28.43 15.39 -19.85
CA ARG A 255 -27.52 15.58 -18.72
C ARG A 255 -28.04 14.79 -17.52
N ASP A 256 -27.11 14.42 -16.64
CA ASP A 256 -27.46 13.79 -15.38
C ASP A 256 -28.07 14.83 -14.43
N PRO A 257 -28.74 14.39 -13.38
CA PRO A 257 -29.28 15.36 -12.41
C PRO A 257 -28.17 16.17 -11.76
N SER A 258 -28.42 17.46 -11.58
CA SER A 258 -27.46 18.37 -10.99
C SER A 258 -27.95 18.84 -9.63
N SER A 259 -27.00 19.32 -8.81
CA SER A 259 -27.35 19.81 -7.48
C SER A 259 -28.19 21.07 -7.54
N ASP A 260 -28.01 21.88 -8.58
CA ASP A 260 -28.79 23.12 -8.70
C ASP A 260 -30.25 22.83 -9.03
N THR A 261 -30.51 21.77 -9.78
CA THR A 261 -31.87 21.41 -10.19
C THR A 261 -32.48 20.33 -9.31
N TYR A 262 -31.87 20.05 -8.14
CA TYR A 262 -32.40 19.05 -7.23
C TYR A 262 -33.86 19.33 -6.87
N GLU A 263 -34.26 20.60 -6.89
CA GLU A 263 -35.59 20.98 -6.40
C GLU A 263 -36.70 20.17 -7.06
N GLU A 264 -36.57 19.86 -8.35
CA GLU A 264 -37.55 18.97 -8.99
C GLU A 264 -36.92 18.05 -10.03
N ASP A 265 -35.60 17.89 -10.03
CA ASP A 265 -35.00 16.74 -10.71
C ASP A 265 -35.24 15.46 -9.95
N SER A 266 -35.45 15.55 -8.63
CA SER A 266 -35.82 14.39 -7.85
C SER A 266 -37.23 13.90 -8.21
N GLU A 267 -38.16 14.85 -8.41
CA GLU A 267 -39.53 14.47 -8.76
C GLU A 267 -39.59 13.75 -10.09
N LEU A 268 -38.74 14.14 -11.05
CA LEU A 268 -38.62 13.36 -12.27
C LEU A 268 -37.98 12.01 -12.01
N LEU A 269 -36.95 11.98 -11.15
CA LEU A 269 -36.38 10.70 -10.74
C LEU A 269 -37.38 9.88 -9.95
N LEU A 270 -38.15 10.52 -9.07
CA LEU A 270 -39.17 9.82 -8.30
C LEU A 270 -40.31 9.31 -9.17
N GLN A 271 -40.38 9.71 -10.43
CA GLN A 271 -41.35 9.17 -11.36
C GLN A 271 -40.76 8.23 -12.39
N ILE A 272 -39.48 8.39 -12.73
CA ILE A 272 -38.80 7.42 -13.58
C ILE A 272 -38.70 6.08 -12.86
N ARG A 273 -38.44 6.10 -11.55
CA ARG A 273 -38.40 4.87 -10.78
C ARG A 273 -39.75 4.16 -10.79
N ASN A 274 -40.84 4.91 -10.96
CA ASN A 274 -42.16 4.29 -11.09
C ASN A 274 -42.43 3.83 -12.52
N ASP A 275 -41.99 4.60 -13.51
CA ASP A 275 -42.27 4.32 -14.91
C ASP A 275 -41.24 3.40 -15.55
N VAL A 276 -40.25 2.90 -14.79
CA VAL A 276 -39.26 1.97 -15.29
C VAL A 276 -39.31 0.63 -14.56
N LEU A 277 -39.41 0.66 -13.23
CA LEU A 277 -39.44 -0.59 -12.48
C LEU A 277 -40.69 -1.41 -12.77
N ASP A 278 -41.80 -0.75 -13.11
CA ASP A 278 -43.00 -1.49 -13.48
C ASP A 278 -42.91 -2.02 -14.91
N SER A 279 -42.18 -1.31 -15.78
CA SER A 279 -41.94 -1.80 -17.13
C SER A 279 -41.18 -3.13 -17.14
N LEU A 280 -40.40 -3.40 -16.10
CA LEU A 280 -39.73 -4.68 -15.93
C LEU A 280 -40.51 -5.64 -15.05
N GLY A 281 -41.69 -5.24 -14.58
CA GLY A 281 -42.51 -6.10 -13.75
C GLY A 281 -42.00 -6.27 -12.34
N ILE A 282 -41.48 -5.21 -11.73
CA ILE A 282 -40.87 -5.27 -10.41
C ILE A 282 -41.60 -4.31 -9.48
N SER A 283 -41.60 -4.64 -8.19
CA SER A 283 -42.22 -3.78 -7.20
C SER A 283 -41.55 -2.40 -7.22
N PRO A 284 -42.32 -1.33 -7.05
CA PRO A 284 -41.72 0.01 -7.18
C PRO A 284 -40.74 0.35 -6.06
N ASP A 285 -41.08 0.03 -4.82
CA ASP A 285 -40.23 0.39 -3.70
C ASP A 285 -39.12 -0.64 -3.47
N LEU A 286 -38.72 -1.35 -4.53
CA LEU A 286 -37.54 -2.18 -4.43
C LEU A 286 -36.28 -1.33 -4.32
N LEU A 287 -36.21 -0.26 -5.12
CA LEU A 287 -35.21 0.77 -4.91
C LEU A 287 -35.71 1.76 -3.86
N PRO A 288 -34.94 2.05 -2.81
CA PRO A 288 -35.43 2.93 -1.76
C PRO A 288 -35.76 4.32 -2.29
N GLU A 289 -36.65 5.01 -1.58
CA GLU A 289 -37.12 6.32 -2.03
C GLU A 289 -36.08 7.41 -1.81
N ASP A 290 -35.29 7.33 -0.75
CA ASP A 290 -34.29 8.34 -0.44
C ASP A 290 -33.05 8.26 -1.34
N PHE A 291 -33.12 7.54 -2.46
CA PHE A 291 -31.98 7.47 -3.37
C PHE A 291 -31.68 8.80 -4.03
N VAL A 292 -32.64 9.72 -4.07
CA VAL A 292 -32.49 10.99 -4.76
C VAL A 292 -31.66 11.97 -3.94
N ARG A 293 -30.96 11.46 -2.92
CA ARG A 293 -30.11 12.30 -2.09
C ARG A 293 -28.66 11.83 -2.05
N TYR A 294 -28.34 10.70 -2.69
CA TYR A 294 -26.99 10.15 -2.63
C TYR A 294 -26.48 9.76 -4.02
N CYS A 295 -26.98 10.40 -5.07
CA CYS A 295 -26.58 10.06 -6.43
C CYS A 295 -26.69 11.28 -7.34
N PHE A 296 -26.18 12.43 -6.89
CA PHE A 296 -26.47 13.69 -7.55
C PHE A 296 -25.26 14.50 -8.01
N SER A 297 -24.04 13.99 -7.84
CA SER A 297 -22.88 14.75 -8.29
C SER A 297 -21.68 13.82 -8.46
N GLU A 298 -20.59 14.41 -8.95
CA GLU A 298 -19.31 13.71 -9.07
C GLU A 298 -18.51 13.98 -7.80
N MET A 299 -18.40 12.97 -6.93
CA MET A 299 -17.60 13.06 -5.72
C MET A 299 -16.25 12.42 -6.00
N ALA A 300 -15.17 13.19 -5.77
CA ALA A 300 -13.82 12.70 -6.06
C ALA A 300 -13.48 11.37 -5.40
N PRO A 301 -13.84 11.09 -4.14
CA PRO A 301 -13.58 9.74 -3.61
C PRO A 301 -14.29 8.64 -4.38
N VAL A 302 -15.52 8.90 -4.83
CA VAL A 302 -16.26 7.90 -5.59
C VAL A 302 -15.63 7.70 -6.97
N CYS A 303 -14.96 8.72 -7.49
CA CYS A 303 -14.27 8.56 -8.77
C CYS A 303 -13.02 7.71 -8.62
N ALA A 304 -12.28 7.88 -7.51
CA ALA A 304 -11.06 7.12 -7.32
C ALA A 304 -11.36 5.65 -7.06
N VAL A 305 -12.42 5.35 -6.30
CA VAL A 305 -12.78 3.97 -6.02
C VAL A 305 -13.23 3.26 -7.29
N VAL A 306 -14.21 3.83 -7.98
CA VAL A 306 -14.72 3.21 -9.20
C VAL A 306 -13.65 3.23 -10.29
N GLY A 307 -12.92 4.35 -10.42
CA GLY A 307 -11.87 4.43 -11.42
C GLY A 307 -10.76 3.44 -11.17
N GLY A 308 -10.44 3.19 -9.91
CA GLY A 308 -9.40 2.22 -9.59
C GLY A 308 -9.84 0.80 -9.88
N ILE A 309 -11.10 0.47 -9.60
CA ILE A 309 -11.61 -0.86 -9.89
C ILE A 309 -11.80 -1.06 -11.39
N LEU A 310 -12.35 -0.06 -12.07
CA LEU A 310 -12.61 -0.19 -13.50
C LEU A 310 -11.30 -0.28 -14.29
N ALA A 311 -10.32 0.57 -13.96
CA ALA A 311 -9.04 0.51 -14.65
C ALA A 311 -8.30 -0.79 -14.37
N GLN A 312 -8.48 -1.35 -13.17
CA GLN A 312 -7.86 -2.64 -12.87
C GLN A 312 -8.49 -3.76 -13.68
N GLU A 313 -9.80 -3.68 -13.95
CA GLU A 313 -10.43 -4.65 -14.84
C GLU A 313 -9.92 -4.52 -16.26
N ILE A 314 -9.50 -3.32 -16.66
CA ILE A 314 -8.94 -3.13 -17.99
C ILE A 314 -7.53 -3.73 -18.06
N VAL A 315 -6.76 -3.59 -16.98
CA VAL A 315 -5.39 -4.10 -16.98
C VAL A 315 -5.37 -5.62 -17.02
N LYS A 316 -6.15 -6.26 -16.13
CA LYS A 316 -6.19 -7.72 -16.12
C LYS A 316 -6.86 -8.29 -17.36
N ALA A 317 -7.55 -7.47 -18.16
CA ALA A 317 -8.15 -7.97 -19.38
C ALA A 317 -7.17 -7.91 -20.54
N LEU A 318 -6.45 -6.79 -20.66
CA LEU A 318 -5.43 -6.67 -21.71
C LEU A 318 -4.29 -7.66 -21.50
N SER A 319 -3.96 -7.97 -20.24
CA SER A 319 -2.95 -8.96 -19.93
C SER A 319 -3.50 -10.38 -19.91
N GLN A 320 -4.83 -10.54 -19.89
CA GLN A 320 -5.47 -11.85 -19.86
C GLN A 320 -4.93 -12.71 -18.71
N ARG A 321 -4.95 -12.14 -17.51
CA ARG A 321 -4.31 -12.77 -16.37
C ARG A 321 -5.37 -13.13 -15.35
N ASP A 322 -5.68 -12.26 -14.39
CA ASP A 322 -6.64 -12.60 -13.35
C ASP A 322 -8.06 -12.65 -13.91
N PRO A 323 -8.96 -13.39 -13.27
CA PRO A 323 -10.35 -13.45 -13.74
C PRO A 323 -11.05 -12.12 -13.54
N PRO A 324 -11.59 -11.54 -14.61
CA PRO A 324 -12.28 -10.26 -14.48
C PRO A 324 -13.67 -10.42 -13.84
N HIS A 325 -14.17 -9.31 -13.33
CA HIS A 325 -15.48 -9.31 -12.69
C HIS A 325 -16.57 -9.40 -13.75
N ASN A 326 -17.52 -10.32 -13.54
CA ASN A 326 -18.57 -10.63 -14.50
C ASN A 326 -19.92 -10.38 -13.85
N ASN A 327 -20.63 -9.36 -14.33
CA ASN A 327 -20.12 -8.45 -15.34
C ASN A 327 -20.30 -7.01 -14.89
N PHE A 328 -21.00 -6.84 -13.76
CA PHE A 328 -21.21 -5.54 -13.14
C PHE A 328 -20.43 -5.46 -11.83
N PHE A 329 -20.17 -4.22 -11.41
CA PHE A 329 -19.61 -3.93 -10.09
C PHE A 329 -20.27 -2.65 -9.59
N PHE A 330 -21.11 -2.77 -8.56
CA PHE A 330 -21.84 -1.65 -8.01
C PHE A 330 -21.23 -1.23 -6.69
N PHE A 331 -20.97 0.06 -6.54
CA PHE A 331 -20.34 0.62 -5.35
C PHE A 331 -21.31 1.51 -4.61
N ASP A 332 -21.31 1.41 -3.29
CA ASP A 332 -22.14 2.23 -2.42
C ASP A 332 -21.23 2.87 -1.37
N GLY A 333 -20.85 4.13 -1.60
CA GLY A 333 -19.93 4.82 -0.72
C GLY A 333 -20.46 5.07 0.68
N MET A 334 -21.77 4.96 0.88
CA MET A 334 -22.33 5.16 2.20
C MET A 334 -22.20 3.92 3.07
N LYS A 335 -22.75 2.79 2.60
CA LYS A 335 -22.62 1.53 3.30
C LYS A 335 -21.26 0.88 3.13
N GLY A 336 -20.47 1.34 2.15
CA GLY A 336 -19.17 0.74 1.92
C GLY A 336 -19.24 -0.61 1.21
N ASN A 337 -20.20 -0.78 0.32
CA ASN A 337 -20.41 -2.04 -0.38
C ASN A 337 -19.83 -1.99 -1.77
N GLY A 338 -19.14 -3.06 -2.16
CA GLY A 338 -18.67 -3.25 -3.52
C GLY A 338 -19.16 -4.57 -4.06
N ILE A 339 -20.36 -4.58 -4.64
CA ILE A 339 -21.05 -5.79 -5.02
C ILE A 339 -20.82 -6.05 -6.50
N VAL A 340 -20.42 -7.29 -6.83
CA VAL A 340 -20.18 -7.72 -8.21
C VAL A 340 -21.37 -8.56 -8.64
N GLU A 341 -22.13 -8.06 -9.61
CA GLU A 341 -23.33 -8.73 -10.09
C GLU A 341 -23.10 -9.32 -11.48
N CYS A 342 -23.86 -10.38 -11.77
CA CYS A 342 -23.87 -11.02 -13.09
C CYS A 342 -25.33 -11.12 -13.52
N LEU A 343 -25.77 -10.17 -14.34
CA LEU A 343 -27.17 -10.06 -14.71
C LEU A 343 -27.40 -10.22 -16.21
N GLY A 344 -26.45 -10.82 -16.93
CA GLY A 344 -26.60 -11.05 -18.35
C GLY A 344 -27.79 -11.93 -18.67
N PRO A 345 -27.61 -13.24 -18.51
CA PRO A 345 -28.71 -14.20 -18.70
C PRO A 345 -29.41 -14.55 -17.39
N SER B 24 -17.09 19.03 -4.62
CA SER B 24 -16.46 20.13 -3.91
C SER B 24 -17.52 21.07 -3.34
N ARG B 25 -18.17 21.82 -4.23
CA ARG B 25 -19.27 22.68 -3.80
C ARG B 25 -20.53 21.86 -3.49
N GLY B 26 -20.74 20.76 -4.20
CA GLY B 26 -21.93 19.95 -4.02
C GLY B 26 -21.86 18.98 -2.85
N LEU B 27 -22.13 19.49 -1.65
CA LEU B 27 -22.17 18.69 -0.44
C LEU B 27 -23.17 19.34 0.51
N PRO B 28 -23.72 18.58 1.47
CA PRO B 28 -24.55 19.20 2.50
C PRO B 28 -23.81 20.33 3.18
N ARG B 29 -24.52 21.44 3.41
CA ARG B 29 -23.84 22.71 3.67
C ARG B 29 -23.10 22.68 5.01
N GLU B 30 -23.61 21.95 5.99
CA GLU B 30 -22.86 21.80 7.24
C GLU B 30 -21.64 20.92 7.06
N LEU B 31 -21.74 19.90 6.19
CA LEU B 31 -20.58 19.07 5.90
C LEU B 31 -19.54 19.83 5.11
N ALA B 32 -19.97 20.58 4.08
CA ALA B 32 -19.01 21.33 3.26
C ALA B 32 -18.32 22.43 4.06
N GLU B 33 -18.97 22.95 5.09
CA GLU B 33 -18.34 23.97 5.93
C GLU B 33 -17.27 23.35 6.83
N ALA B 34 -17.51 22.14 7.34
CA ALA B 34 -16.52 21.48 8.18
C ALA B 34 -15.30 21.06 7.39
N VAL B 35 -15.45 20.77 6.10
CA VAL B 35 -14.32 20.35 5.28
C VAL B 35 -13.44 21.53 4.93
N ALA B 36 -14.06 22.65 4.52
CA ALA B 36 -13.29 23.81 4.10
C ALA B 36 -12.60 24.53 5.25
N GLY B 37 -13.03 24.28 6.48
CA GLY B 37 -12.43 24.94 7.62
C GLY B 37 -11.58 24.04 8.49
N GLY B 38 -11.93 22.76 8.53
CA GLY B 38 -11.19 21.84 9.38
C GLY B 38 -9.79 21.57 8.89
N ARG B 39 -8.93 21.19 9.83
CA ARG B 39 -7.54 20.87 9.56
C ARG B 39 -7.32 19.37 9.66
N VAL B 40 -6.58 18.81 8.69
CA VAL B 40 -6.39 17.38 8.58
C VAL B 40 -4.91 17.08 8.43
N LEU B 41 -4.50 15.87 8.86
CA LEU B 41 -3.11 15.47 8.88
C LEU B 41 -2.93 14.17 8.11
N VAL B 42 -1.94 14.14 7.22
CA VAL B 42 -1.57 12.96 6.46
C VAL B 42 -0.17 12.56 6.89
N VAL B 43 -0.02 11.32 7.33
CA VAL B 43 1.26 10.81 7.83
C VAL B 43 1.83 9.91 6.76
N GLY B 44 2.67 10.49 5.90
CA GLY B 44 3.33 9.70 4.87
C GLY B 44 2.92 10.05 3.47
N ALA B 45 3.89 10.27 2.59
CA ALA B 45 3.64 10.59 1.19
C ALA B 45 3.98 9.41 0.27
N GLY B 46 3.77 8.19 0.76
CA GLY B 46 4.07 7.00 -0.02
C GLY B 46 3.03 6.71 -1.08
N GLY B 47 2.63 5.45 -1.21
CA GLY B 47 1.64 5.06 -2.18
C GLY B 47 0.29 5.66 -1.91
N ILE B 48 -0.30 5.33 -0.75
CA ILE B 48 -1.60 5.89 -0.38
C ILE B 48 -1.50 7.39 -0.14
N GLY B 49 -0.30 7.91 0.14
CA GLY B 49 -0.16 9.33 0.43
C GLY B 49 -0.49 10.22 -0.74
N CYS B 50 0.01 9.88 -1.93
CA CYS B 50 -0.24 10.71 -3.10
C CYS B 50 -1.71 10.68 -3.50
N GLU B 51 -2.32 9.50 -3.51
CA GLU B 51 -3.74 9.40 -3.85
C GLU B 51 -4.61 10.06 -2.79
N LEU B 52 -4.15 10.10 -1.53
CA LEU B 52 -4.96 10.70 -0.47
C LEU B 52 -4.97 12.22 -0.58
N LEU B 53 -3.81 12.83 -0.85
CA LEU B 53 -3.75 14.28 -1.04
C LEU B 53 -4.66 14.73 -2.17
N LYS B 54 -4.71 13.95 -3.26
CA LYS B 54 -5.57 14.30 -4.38
C LYS B 54 -7.04 14.27 -3.97
N ASN B 55 -7.49 13.15 -3.40
CA ASN B 55 -8.89 13.02 -3.02
C ASN B 55 -9.29 14.03 -1.96
N LEU B 56 -8.35 14.42 -1.09
CA LEU B 56 -8.65 15.44 -0.09
C LEU B 56 -8.89 16.79 -0.74
N VAL B 57 -8.00 17.20 -1.64
CA VAL B 57 -8.10 18.53 -2.24
C VAL B 57 -9.32 18.62 -3.15
N LEU B 58 -9.54 17.61 -3.98
CA LEU B 58 -10.68 17.64 -4.90
C LEU B 58 -12.02 17.54 -4.17
N THR B 59 -12.02 17.18 -2.90
CA THR B 59 -13.25 17.14 -2.11
C THR B 59 -13.57 18.50 -1.49
N GLY B 60 -12.54 19.23 -1.05
CA GLY B 60 -12.75 20.54 -0.47
C GLY B 60 -11.78 20.86 0.65
N PHE B 61 -11.00 19.87 1.07
CA PHE B 61 -10.04 20.07 2.16
C PHE B 61 -8.95 21.03 1.72
N SER B 62 -8.87 22.19 2.38
CA SER B 62 -7.87 23.19 2.08
C SER B 62 -6.77 23.30 3.12
N HIS B 63 -7.01 22.84 4.35
CA HIS B 63 -6.03 22.89 5.43
C HIS B 63 -5.52 21.47 5.67
N ILE B 64 -4.40 21.15 5.03
CA ILE B 64 -3.83 19.80 5.06
C ILE B 64 -2.37 19.90 5.49
N ASP B 65 -1.96 18.99 6.37
CA ASP B 65 -0.57 18.86 6.79
C ASP B 65 -0.05 17.50 6.36
N LEU B 66 1.08 17.50 5.65
CA LEU B 66 1.70 16.28 5.14
C LEU B 66 3.10 16.15 5.71
N ILE B 67 3.41 14.96 6.24
CA ILE B 67 4.71 14.70 6.84
C ILE B 67 5.22 13.36 6.35
N ASP B 68 6.45 13.35 5.83
CA ASP B 68 7.11 12.14 5.38
C ASP B 68 8.61 12.39 5.38
N LEU B 69 9.38 11.34 5.69
CA LEU B 69 10.82 11.45 5.77
C LEU B 69 11.53 10.87 4.55
N ASP B 70 10.92 9.92 3.86
CA ASP B 70 11.55 9.27 2.73
C ASP B 70 11.71 10.23 1.55
N THR B 71 12.57 9.84 0.62
CA THR B 71 12.79 10.58 -0.62
C THR B 71 12.29 9.76 -1.81
N ILE B 72 12.17 10.44 -2.95
CA ILE B 72 11.59 9.84 -4.13
C ILE B 72 12.61 8.93 -4.80
N ASP B 73 12.21 7.70 -5.09
CA ASP B 73 13.04 6.73 -5.79
C ASP B 73 12.36 6.39 -7.13
N VAL B 74 13.18 6.01 -8.11
CA VAL B 74 12.68 5.71 -9.44
C VAL B 74 11.66 4.57 -9.43
N SER B 75 11.72 3.69 -8.41
CA SER B 75 10.77 2.60 -8.29
C SER B 75 9.42 3.05 -7.74
N ASN B 76 9.30 4.30 -7.27
CA ASN B 76 8.07 4.78 -6.66
C ASN B 76 7.13 5.47 -7.64
N LEU B 77 7.63 5.97 -8.77
CA LEU B 77 6.83 6.76 -9.70
C LEU B 77 5.98 5.90 -10.64
N ASN B 78 5.63 4.68 -10.24
CA ASN B 78 4.66 3.88 -10.97
C ASN B 78 3.29 3.89 -10.32
N ARG B 79 3.20 4.32 -9.06
CA ARG B 79 1.94 4.41 -8.34
C ARG B 79 1.78 5.72 -7.57
N GLN B 80 2.84 6.50 -7.39
CA GLN B 80 2.79 7.79 -6.69
C GLN B 80 2.89 8.88 -7.76
N PHE B 81 1.73 9.22 -8.33
CA PHE B 81 1.68 10.05 -9.54
C PHE B 81 2.13 11.50 -9.30
N LEU B 82 2.17 11.95 -8.05
CA LEU B 82 2.59 13.32 -7.78
C LEU B 82 4.09 13.52 -7.99
N PHE B 83 4.84 12.46 -8.27
CA PHE B 83 6.27 12.54 -8.48
C PHE B 83 6.62 12.09 -9.89
N GLN B 84 7.78 12.54 -10.36
CA GLN B 84 8.24 12.24 -11.72
C GLN B 84 9.72 11.87 -11.66
N LYS B 85 10.28 11.53 -12.82
CA LYS B 85 11.71 11.27 -12.92
C LYS B 85 12.53 12.53 -12.62
N LYS B 86 11.94 13.71 -12.81
CA LYS B 86 12.61 14.95 -12.47
C LYS B 86 12.85 15.07 -10.97
N HIS B 87 11.94 14.54 -10.15
CA HIS B 87 11.99 14.71 -8.71
C HIS B 87 12.69 13.57 -7.99
N VAL B 88 13.43 12.73 -8.70
CA VAL B 88 14.16 11.64 -8.06
C VAL B 88 15.30 12.22 -7.25
N GLY B 89 15.28 12.00 -5.93
CA GLY B 89 16.29 12.54 -5.05
C GLY B 89 15.72 13.51 -4.04
N ARG B 90 14.74 14.30 -4.47
CA ARG B 90 14.08 15.22 -3.56
C ARG B 90 13.20 14.47 -2.56
N SER B 91 12.72 15.20 -1.56
CA SER B 91 11.87 14.59 -0.54
C SER B 91 10.45 14.41 -1.05
N LYS B 92 9.80 13.36 -0.56
CA LYS B 92 8.42 13.09 -0.96
C LYS B 92 7.45 14.13 -0.41
N ALA B 93 7.81 14.84 0.65
CA ALA B 93 6.91 15.82 1.24
C ALA B 93 7.00 17.17 0.54
N GLN B 94 8.20 17.60 0.17
CA GLN B 94 8.35 18.91 -0.48
C GLN B 94 7.78 18.87 -1.89
N VAL B 95 8.04 17.79 -2.65
CA VAL B 95 7.56 17.71 -4.02
C VAL B 95 6.05 17.59 -4.05
N ALA B 96 5.47 16.87 -3.08
CA ALA B 96 4.03 16.71 -3.05
C ALA B 96 3.33 18.05 -2.86
N LYS B 97 3.90 18.93 -2.03
CA LYS B 97 3.32 20.26 -1.86
C LYS B 97 3.44 21.09 -3.13
N GLU B 98 4.54 20.91 -3.88
CA GLU B 98 4.70 21.64 -5.14
C GLU B 98 3.75 21.11 -6.20
N SER B 99 3.58 19.79 -6.27
CA SER B 99 2.76 19.20 -7.32
C SER B 99 1.27 19.53 -7.14
N VAL B 100 0.80 19.65 -5.89
CA VAL B 100 -0.62 19.92 -5.67
C VAL B 100 -0.94 21.40 -5.91
N LEU B 101 0.02 22.30 -5.69
CA LEU B 101 -0.23 23.72 -5.90
C LEU B 101 -0.35 24.09 -7.36
N GLN B 102 -0.29 23.13 -8.28
CA GLN B 102 -0.42 23.41 -9.70
C GLN B 102 -1.87 23.35 -10.17
N PHE B 103 -2.60 22.28 -9.81
CA PHE B 103 -4.00 22.18 -10.21
C PHE B 103 -4.92 22.95 -9.27
N TYR B 104 -4.48 23.23 -8.04
CA TYR B 104 -5.26 24.06 -7.11
C TYR B 104 -4.29 24.87 -6.27
N PRO B 105 -3.93 26.08 -6.73
CA PRO B 105 -2.95 26.88 -5.99
C PRO B 105 -3.48 27.41 -4.66
N LYS B 106 -4.79 27.50 -4.49
CA LYS B 106 -5.39 28.06 -3.28
C LYS B 106 -5.57 26.99 -2.20
N ALA B 107 -4.53 26.20 -1.96
CA ALA B 107 -4.56 25.12 -0.99
C ALA B 107 -3.50 25.37 0.06
N ASN B 108 -3.93 25.51 1.31
CA ASN B 108 -3.03 25.73 2.45
C ASN B 108 -2.49 24.37 2.90
N ILE B 109 -1.36 23.96 2.31
CA ILE B 109 -0.74 22.68 2.60
C ILE B 109 0.62 22.93 3.22
N VAL B 110 0.87 22.34 4.39
CA VAL B 110 2.14 22.45 5.10
C VAL B 110 2.88 21.13 4.93
N ALA B 111 4.10 21.19 4.41
CA ALA B 111 4.92 20.03 4.16
C ALA B 111 6.02 19.92 5.20
N TYR B 112 6.12 18.77 5.85
CA TYR B 112 7.15 18.49 6.84
C TYR B 112 8.08 17.41 6.32
N HIS B 113 9.34 17.77 6.08
CA HIS B 113 10.37 16.80 5.72
C HIS B 113 11.04 16.29 7.00
N ASP B 114 10.24 15.57 7.79
CA ASP B 114 10.67 15.12 9.11
C ASP B 114 9.98 13.80 9.42
N SER B 115 10.40 13.18 10.52
CA SER B 115 9.80 11.95 11.00
C SER B 115 8.67 12.26 11.98
N ILE B 116 7.57 11.53 11.85
CA ILE B 116 6.45 11.71 12.76
C ILE B 116 6.82 11.26 14.18
N MET B 117 7.90 10.51 14.33
CA MET B 117 8.39 10.10 15.64
C MET B 117 9.13 11.21 16.36
N ASN B 118 9.34 12.35 15.71
CA ASN B 118 10.04 13.47 16.35
C ASN B 118 9.22 14.00 17.51
N PRO B 119 9.81 14.21 18.68
CA PRO B 119 9.03 14.69 19.84
C PRO B 119 8.47 16.09 19.68
N ASP B 120 8.89 16.84 18.66
CA ASP B 120 8.29 18.15 18.41
C ASP B 120 6.81 18.04 18.08
N TYR B 121 6.39 16.90 17.54
CA TYR B 121 4.98 16.67 17.20
C TYR B 121 4.28 16.00 18.38
N ASN B 122 4.02 16.82 19.40
CA ASN B 122 3.46 16.35 20.66
C ASN B 122 1.94 16.23 20.55
N VAL B 123 1.30 15.92 21.68
CA VAL B 123 -0.15 15.80 21.71
C VAL B 123 -0.81 17.14 21.35
N GLU B 124 -0.18 18.25 21.71
CA GLU B 124 -0.71 19.55 21.34
C GLU B 124 -0.68 19.76 19.83
N PHE B 125 0.34 19.22 19.16
CA PHE B 125 0.38 19.30 17.70
C PHE B 125 -0.70 18.44 17.07
N PHE B 126 -0.88 17.21 17.57
CA PHE B 126 -1.90 16.33 17.01
C PHE B 126 -3.30 16.85 17.25
N ARG B 127 -3.53 17.56 18.36
CA ARG B 127 -4.86 18.05 18.68
C ARG B 127 -5.29 19.21 17.79
N GLN B 128 -4.39 19.75 16.97
CA GLN B 128 -4.78 20.78 16.02
C GLN B 128 -5.75 20.24 14.98
N PHE B 129 -5.61 18.97 14.60
CA PHE B 129 -6.36 18.41 13.49
C PHE B 129 -7.64 17.75 13.97
N ILE B 130 -8.68 17.83 13.13
CA ILE B 130 -9.92 17.11 13.40
C ILE B 130 -9.90 15.71 12.82
N LEU B 131 -8.81 15.33 12.16
CA LEU B 131 -8.74 14.03 11.50
C LEU B 131 -7.28 13.73 11.16
N VAL B 132 -6.84 12.50 11.47
CA VAL B 132 -5.49 12.05 11.16
C VAL B 132 -5.61 10.76 10.37
N MET B 133 -4.85 10.66 9.29
CA MET B 133 -4.90 9.50 8.40
C MET B 133 -3.50 8.95 8.20
N ASN B 134 -3.36 7.63 8.36
CA ASN B 134 -2.07 6.98 8.26
C ASN B 134 -1.78 6.57 6.82
N ALA B 135 -0.50 6.68 6.44
CA ALA B 135 -0.04 6.27 5.12
C ALA B 135 1.37 5.69 5.20
N LEU B 136 1.70 5.03 6.31
CA LEU B 136 2.99 4.42 6.52
C LEU B 136 2.90 2.91 6.44
N ASP B 137 4.06 2.26 6.41
CA ASP B 137 4.15 0.82 6.24
C ASP B 137 4.72 0.06 7.43
N ASN B 138 5.48 0.70 8.30
CA ASN B 138 6.12 0.03 9.43
C ASN B 138 5.27 0.20 10.69
N ARG B 139 5.25 -0.85 11.52
CA ARG B 139 4.40 -0.85 12.70
C ARG B 139 4.90 0.11 13.77
N ALA B 140 6.23 0.29 13.87
CA ALA B 140 6.78 1.12 14.95
C ALA B 140 6.25 2.54 14.89
N ALA B 141 6.22 3.12 13.69
CA ALA B 141 5.70 4.48 13.56
C ALA B 141 4.17 4.49 13.66
N ARG B 142 3.50 3.43 13.20
CA ARG B 142 2.05 3.37 13.32
C ARG B 142 1.62 3.24 14.78
N ASN B 143 2.39 2.49 15.58
CA ASN B 143 2.08 2.40 17.00
C ASN B 143 2.19 3.76 17.68
N HIS B 144 3.17 4.57 17.26
CA HIS B 144 3.32 5.91 17.82
C HIS B 144 2.15 6.79 17.45
N VAL B 145 1.81 6.87 16.16
CA VAL B 145 0.69 7.69 15.72
C VAL B 145 -0.62 7.21 16.34
N ASN B 146 -0.72 5.91 16.63
CA ASN B 146 -1.91 5.40 17.31
C ASN B 146 -2.02 5.99 18.71
N ARG B 147 -0.91 6.01 19.45
CA ARG B 147 -0.90 6.52 20.81
C ARG B 147 -0.99 8.05 20.86
N MET B 148 -0.58 8.74 19.79
CA MET B 148 -0.71 10.18 19.77
C MET B 148 -2.14 10.61 19.53
N CYS B 149 -2.85 9.90 18.64
CA CYS B 149 -4.23 10.25 18.34
C CYS B 149 -5.19 9.86 19.47
N LEU B 150 -4.82 8.87 20.30
CA LEU B 150 -5.62 8.59 21.49
C LEU B 150 -5.47 9.72 22.51
N ALA B 151 -4.24 10.13 22.81
CA ALA B 151 -4.01 11.18 23.78
C ALA B 151 -4.67 12.47 23.36
N ALA B 152 -4.61 12.81 22.07
CA ALA B 152 -5.25 14.02 21.56
C ALA B 152 -6.74 13.83 21.31
N ASP B 153 -7.24 12.60 21.35
CA ASP B 153 -8.65 12.29 21.14
C ASP B 153 -9.13 12.79 19.77
N VAL B 154 -8.30 12.59 18.76
CA VAL B 154 -8.61 12.94 17.38
C VAL B 154 -8.73 11.65 16.58
N PRO B 155 -9.76 11.48 15.77
CA PRO B 155 -9.95 10.21 15.05
C PRO B 155 -8.77 9.89 14.14
N LEU B 156 -8.44 8.60 14.05
CA LEU B 156 -7.36 8.10 13.23
C LEU B 156 -7.91 7.11 12.21
N ILE B 157 -7.55 7.29 10.94
CA ILE B 157 -8.01 6.42 9.87
C ILE B 157 -6.81 5.61 9.41
N GLU B 158 -6.71 4.38 9.91
CA GLU B 158 -5.58 3.51 9.60
C GLU B 158 -5.83 2.78 8.28
N SER B 159 -4.83 2.78 7.40
CA SER B 159 -4.95 2.17 6.09
C SER B 159 -3.66 1.45 5.72
N GLY B 160 -3.80 0.38 4.94
CA GLY B 160 -2.67 -0.39 4.47
C GLY B 160 -2.98 -1.15 3.20
N THR B 161 -2.02 -1.22 2.28
CA THR B 161 -2.22 -1.90 1.01
C THR B 161 -1.14 -2.97 0.81
N ALA B 162 -1.50 -4.00 0.03
CA ALA B 162 -0.57 -5.08 -0.26
C ALA B 162 -1.09 -5.79 -1.52
N GLY B 163 -0.50 -5.45 -2.66
CA GLY B 163 -0.91 -6.03 -3.92
C GLY B 163 -2.33 -5.64 -4.30
N TYR B 164 -3.20 -6.62 -4.48
CA TYR B 164 -4.60 -6.35 -4.80
C TYR B 164 -5.43 -6.05 -3.55
N LEU B 165 -4.87 -6.25 -2.36
CA LEU B 165 -5.64 -6.14 -1.13
C LEU B 165 -5.39 -4.80 -0.45
N GLY B 166 -6.36 -4.39 0.36
CA GLY B 166 -6.28 -3.15 1.11
C GLY B 166 -7.32 -3.11 2.19
N GLN B 167 -7.03 -2.35 3.25
CA GLN B 167 -7.89 -2.29 4.41
C GLN B 167 -7.99 -0.85 4.88
N VAL B 168 -9.17 -0.50 5.39
CA VAL B 168 -9.43 0.84 5.94
C VAL B 168 -10.25 0.66 7.21
N THR B 169 -9.85 1.34 8.28
CA THR B 169 -10.58 1.30 9.53
C THR B 169 -10.45 2.65 10.23
N THR B 170 -11.34 2.89 11.19
CA THR B 170 -11.40 4.14 11.95
C THR B 170 -11.09 3.86 13.40
N ILE B 171 -10.23 4.69 13.99
CA ILE B 171 -9.81 4.56 15.39
C ILE B 171 -10.17 5.83 16.13
N LYS B 172 -11.00 5.71 17.17
CA LYS B 172 -11.31 6.82 18.06
C LYS B 172 -11.33 6.31 19.49
N LYS B 173 -10.70 7.05 20.39
CA LYS B 173 -10.61 6.64 21.79
C LYS B 173 -12.00 6.51 22.40
N GLY B 174 -12.19 5.43 23.18
CA GLY B 174 -13.42 5.20 23.89
C GLY B 174 -14.57 4.71 23.05
N VAL B 175 -14.42 4.61 21.74
CA VAL B 175 -15.47 4.16 20.84
C VAL B 175 -15.08 2.86 20.14
N THR B 176 -13.91 2.84 19.49
CA THR B 176 -13.45 1.70 18.72
C THR B 176 -12.14 1.18 19.29
N GLU B 177 -11.76 -0.02 18.87
CA GLU B 177 -10.48 -0.58 19.26
C GLU B 177 -9.36 0.11 18.50
N CYS B 178 -8.22 0.25 19.17
CA CYS B 178 -7.09 1.00 18.63
C CYS B 178 -6.25 0.08 17.74
N TYR B 179 -5.14 0.60 17.24
CA TYR B 179 -4.30 -0.15 16.31
C TYR B 179 -3.65 -1.35 16.98
N GLU B 180 -3.43 -1.29 18.30
CA GLU B 180 -2.74 -2.34 19.03
C GLU B 180 -3.65 -3.13 19.95
N CYS B 181 -4.98 -2.99 19.79
CA CYS B 181 -5.90 -3.82 20.57
C CYS B 181 -5.76 -5.29 20.20
N HIS B 182 -5.35 -5.58 18.96
CA HIS B 182 -5.12 -6.93 18.50
C HIS B 182 -3.71 -7.03 17.91
N PRO B 183 -2.98 -8.09 18.23
CA PRO B 183 -1.59 -8.21 17.76
C PRO B 183 -1.54 -8.42 16.25
N LYS B 184 -0.91 -7.49 15.55
CA LYS B 184 -0.72 -7.62 14.12
C LYS B 184 0.32 -8.72 13.85
N PRO B 185 0.20 -9.43 12.72
CA PRO B 185 1.10 -10.56 12.46
C PRO B 185 2.56 -10.12 12.39
N THR B 186 3.38 -10.74 13.23
CA THR B 186 4.80 -10.42 13.31
C THR B 186 5.59 -11.29 12.34
N GLN B 187 6.67 -10.72 11.80
CA GLN B 187 7.51 -11.43 10.86
C GLN B 187 8.30 -12.53 11.58
N ARG B 188 8.94 -13.38 10.78
CA ARG B 188 9.77 -14.45 11.31
C ARG B 188 11.11 -13.92 11.78
N THR B 189 11.62 -14.49 12.87
CA THR B 189 12.91 -14.15 13.42
C THR B 189 13.69 -15.44 13.64
N PHE B 190 14.84 -15.56 12.99
CA PHE B 190 15.60 -16.79 13.13
C PHE B 190 16.79 -16.61 14.07
N PRO B 191 17.05 -17.57 14.94
CA PRO B 191 18.14 -17.42 15.91
C PRO B 191 19.51 -17.51 15.25
N GLY B 192 20.51 -16.99 15.97
CA GLY B 192 21.87 -17.00 15.45
C GLY B 192 22.43 -18.40 15.29
N CYS B 193 21.99 -19.34 16.13
CA CYS B 193 22.46 -20.72 16.01
C CYS B 193 21.97 -21.37 14.71
N THR B 194 20.85 -20.88 14.17
CA THR B 194 20.33 -21.40 12.91
C THR B 194 20.82 -20.60 11.71
N ILE B 195 21.18 -19.33 11.91
CA ILE B 195 21.58 -18.48 10.80
C ILE B 195 22.96 -18.89 10.27
N ARG B 196 23.93 -19.04 11.16
CA ARG B 196 25.31 -19.24 10.74
C ARG B 196 25.85 -20.63 11.02
N ASN B 197 25.16 -21.46 11.81
CA ASN B 197 25.63 -22.81 12.09
C ASN B 197 24.83 -23.90 11.39
N THR B 198 23.53 -23.71 11.18
CA THR B 198 22.71 -24.66 10.43
C THR B 198 21.68 -23.91 9.58
N PRO B 199 22.14 -23.21 8.53
CA PRO B 199 21.21 -22.53 7.62
C PRO B 199 20.58 -23.51 6.65
N SER B 200 19.28 -23.75 6.83
CA SER B 200 18.57 -24.74 6.02
C SER B 200 17.80 -24.14 4.86
N GLU B 201 17.37 -22.88 4.97
CA GLU B 201 16.60 -22.23 3.94
C GLU B 201 17.40 -21.13 3.25
N PRO B 202 17.10 -20.82 1.99
CA PRO B 202 17.82 -19.73 1.32
C PRO B 202 17.66 -18.38 2.01
N ILE B 203 16.62 -18.19 2.80
CA ILE B 203 16.45 -16.93 3.52
C ILE B 203 17.53 -16.76 4.58
N HIS B 204 18.03 -17.87 5.14
CA HIS B 204 19.06 -17.77 6.16
C HIS B 204 20.37 -17.22 5.60
N CYS B 205 20.63 -17.44 4.32
CA CYS B 205 21.81 -16.86 3.69
C CYS B 205 21.64 -15.37 3.41
N ILE B 206 20.41 -14.95 3.11
CA ILE B 206 20.14 -13.53 2.87
C ILE B 206 20.31 -12.74 4.16
N VAL B 207 19.79 -13.27 5.27
CA VAL B 207 19.98 -12.63 6.55
C VAL B 207 21.46 -12.60 6.92
N TRP B 208 22.20 -13.65 6.54
CA TRP B 208 23.64 -13.66 6.77
C TRP B 208 24.34 -12.62 5.92
N ALA B 209 23.88 -12.42 4.69
CA ALA B 209 24.45 -11.37 3.84
C ALA B 209 24.11 -10.00 4.36
N LYS B 210 22.85 -9.80 4.78
CA LYS B 210 22.49 -8.55 5.44
C LYS B 210 23.27 -8.37 6.74
N TYR B 211 23.55 -9.47 7.44
CA TYR B 211 24.47 -9.41 8.56
C TYR B 211 25.87 -9.05 8.11
N LEU B 212 26.32 -9.66 7.01
CA LEU B 212 27.69 -9.43 6.53
C LEU B 212 27.89 -7.96 6.13
N PHE B 213 26.89 -7.37 5.47
CA PHE B 213 27.01 -5.97 5.09
C PHE B 213 27.06 -5.06 6.31
N ASN B 214 26.42 -5.46 7.40
CA ASN B 214 26.41 -4.63 8.61
C ASN B 214 27.75 -4.65 9.32
N GLN B 215 28.42 -5.81 9.35
CA GLN B 215 29.68 -5.90 10.08
C GLN B 215 30.79 -5.13 9.38
N LEU B 216 30.81 -5.16 8.04
CA LEU B 216 31.91 -4.57 7.29
C LEU B 216 31.75 -3.06 7.13
N PHE B 217 30.60 -2.61 6.62
CA PHE B 217 30.43 -1.22 6.25
C PHE B 217 29.26 -0.56 6.99
N GLY B 218 28.83 -1.14 8.10
CA GLY B 218 27.73 -0.56 8.86
C GLY B 218 28.01 -0.49 10.34
N GLU B 219 26.96 -0.21 11.13
CA GLU B 219 27.11 -0.15 12.57
C GLU B 219 27.35 -1.54 13.13
N GLU B 220 28.41 -1.68 13.94
CA GLU B 220 28.76 -2.97 14.52
C GLU B 220 27.67 -3.46 15.47
N ASP B 221 26.88 -4.44 15.02
CA ASP B 221 25.81 -5.00 15.81
C ASP B 221 26.30 -6.26 16.53
N ALA B 222 25.72 -6.53 17.70
CA ALA B 222 26.10 -7.67 18.53
C ALA B 222 25.43 -8.96 18.07
N ASP B 223 24.10 -8.96 17.94
CA ASP B 223 23.37 -10.18 17.57
C ASP B 223 23.54 -10.55 16.10
N GLN B 224 24.25 -9.74 15.31
CA GLN B 224 24.42 -9.97 13.88
C GLN B 224 25.79 -10.53 13.54
N GLU B 225 26.34 -11.40 14.39
CA GLU B 225 27.65 -11.98 14.13
C GLU B 225 27.57 -12.95 12.96
N VAL B 226 28.50 -12.81 12.00
CA VAL B 226 28.54 -13.69 10.86
C VAL B 226 29.50 -14.87 11.07
N SER B 227 30.43 -14.76 12.00
CA SER B 227 31.36 -15.84 12.28
C SER B 227 30.61 -17.02 12.88
N PRO B 228 31.15 -18.24 12.75
CA PRO B 228 30.50 -19.41 13.33
C PRO B 228 30.38 -19.30 14.85
N ASP B 229 29.21 -19.69 15.36
CA ASP B 229 28.94 -19.59 16.78
C ASP B 229 29.48 -20.81 17.51
N ARG B 230 30.28 -20.57 18.56
CA ARG B 230 30.92 -21.64 19.31
C ARG B 230 30.08 -22.15 20.47
N ALA B 231 29.18 -21.32 21.01
CA ALA B 231 28.34 -21.71 22.13
C ALA B 231 27.01 -22.32 21.68
N ASP B 232 27.00 -23.03 20.56
CA ASP B 232 25.77 -23.61 20.07
C ASP B 232 25.32 -24.74 20.99
N PRO B 233 24.03 -24.80 21.35
CA PRO B 233 23.57 -25.92 22.20
C PRO B 233 23.81 -27.28 21.58
N GLU B 234 23.66 -27.40 20.25
CA GLU B 234 23.92 -28.65 19.55
C GLU B 234 25.41 -28.94 19.40
N ALA B 235 26.28 -28.12 20.00
CA ALA B 235 27.72 -28.26 19.93
C ALA B 235 28.27 -28.72 21.27
N ALA B 236 29.54 -28.41 21.52
CA ALA B 236 30.20 -28.78 22.77
C ALA B 236 30.35 -27.58 23.69
N SER B 259 37.85 -9.34 16.54
CA SER B 259 36.66 -8.76 15.92
C SER B 259 36.70 -8.93 14.41
N THR B 260 35.52 -9.14 13.82
CA THR B 260 35.45 -9.30 12.37
C THR B 260 35.64 -7.96 11.66
N LYS B 261 35.10 -6.87 12.24
CA LYS B 261 35.25 -5.56 11.62
C LYS B 261 36.65 -4.99 11.85
N GLU B 262 37.22 -5.20 13.04
CA GLU B 262 38.60 -4.78 13.27
C GLU B 262 39.55 -5.49 12.32
N TRP B 263 39.28 -6.76 12.02
CA TRP B 263 40.03 -7.46 10.99
C TRP B 263 39.66 -6.94 9.60
N ALA B 264 38.39 -6.60 9.40
CA ALA B 264 37.95 -6.06 8.12
C ALA B 264 38.61 -4.71 7.83
N LYS B 265 38.74 -3.86 8.85
CA LYS B 265 39.38 -2.57 8.66
C LYS B 265 40.90 -2.67 8.63
N SER B 266 41.47 -3.72 9.25
CA SER B 266 42.90 -3.94 9.16
C SER B 266 43.31 -4.64 7.87
N THR B 267 42.38 -5.40 7.26
CA THR B 267 42.66 -5.98 5.95
C THR B 267 42.71 -4.93 4.85
N GLY B 268 42.09 -3.78 5.07
CA GLY B 268 41.99 -2.76 4.04
C GLY B 268 40.79 -2.88 3.13
N TYR B 269 39.81 -3.71 3.48
CA TYR B 269 38.65 -3.98 2.64
C TYR B 269 39.09 -4.44 1.25
N ASP B 270 40.04 -5.39 1.23
CA ASP B 270 40.53 -5.94 -0.02
C ASP B 270 39.67 -7.13 -0.42
N PRO B 271 39.09 -7.13 -1.62
CA PRO B 271 38.11 -8.17 -1.96
C PRO B 271 38.68 -9.58 -1.98
N VAL B 272 39.94 -9.74 -2.43
CA VAL B 272 40.51 -11.09 -2.56
C VAL B 272 40.71 -11.71 -1.19
N LYS B 273 41.11 -10.90 -0.20
CA LYS B 273 41.43 -11.45 1.11
C LYS B 273 40.18 -11.81 1.91
N LEU B 274 39.19 -10.91 1.92
CA LEU B 274 37.98 -11.16 2.70
C LEU B 274 37.19 -12.35 2.16
N PHE B 275 37.35 -12.66 0.87
CA PHE B 275 36.65 -13.82 0.30
C PHE B 275 37.10 -15.11 0.97
N THR B 276 38.41 -15.33 1.03
CA THR B 276 38.94 -16.60 1.53
C THR B 276 38.66 -16.76 3.02
N LYS B 277 38.72 -15.68 3.78
CA LYS B 277 38.49 -15.78 5.22
C LYS B 277 37.03 -16.07 5.54
N LEU B 278 36.10 -15.52 4.75
CA LEU B 278 34.69 -15.64 5.08
C LEU B 278 34.07 -16.90 4.51
N PHE B 279 34.59 -17.41 3.39
CA PHE B 279 33.96 -18.51 2.67
C PHE B 279 34.70 -19.84 2.80
N LYS B 280 35.88 -19.87 3.40
CA LYS B 280 36.60 -21.13 3.59
C LYS B 280 37.04 -21.31 5.04
N ASP B 281 37.71 -20.29 5.59
CA ASP B 281 38.23 -20.41 6.95
C ASP B 281 37.10 -20.47 7.97
N ASP B 282 36.12 -19.57 7.86
CA ASP B 282 34.96 -19.63 8.75
C ASP B 282 34.14 -20.88 8.51
N ILE B 283 34.21 -21.47 7.32
CA ILE B 283 33.57 -22.75 7.09
C ILE B 283 34.43 -23.89 7.64
N ARG B 284 35.76 -23.73 7.65
CA ARG B 284 36.62 -24.74 8.24
C ARG B 284 36.52 -24.76 9.76
N TYR B 285 36.33 -23.59 10.38
CA TYR B 285 36.03 -23.56 11.80
C TYR B 285 34.63 -24.11 12.10
N LEU B 286 33.75 -24.12 11.10
CA LEU B 286 32.52 -24.89 11.23
C LEU B 286 32.78 -26.38 11.16
N LEU B 287 33.81 -26.79 10.42
CA LEU B 287 34.22 -28.20 10.40
C LEU B 287 34.96 -28.61 11.65
N THR B 288 35.51 -27.64 12.41
CA THR B 288 36.03 -27.92 13.74
C THR B 288 34.96 -28.58 14.61
N MET B 289 33.72 -28.12 14.48
CA MET B 289 32.59 -28.65 15.25
C MET B 289 31.95 -29.76 14.44
N ASP B 290 32.23 -31.01 14.82
CA ASP B 290 31.75 -32.17 14.10
C ASP B 290 30.35 -32.60 14.52
N LYS B 291 29.81 -32.04 15.60
CA LYS B 291 28.57 -32.56 16.17
C LYS B 291 27.37 -32.24 15.30
N LEU B 292 27.35 -31.07 14.66
CA LEU B 292 26.20 -30.70 13.84
C LEU B 292 26.14 -31.53 12.56
N TRP B 293 27.29 -31.91 12.02
CA TRP B 293 27.35 -32.49 10.68
C TRP B 293 27.02 -33.97 10.65
N ARG B 294 26.65 -34.57 11.79
CA ARG B 294 26.19 -35.95 11.79
C ARG B 294 24.81 -36.10 11.17
N LYS B 295 24.01 -35.04 11.18
CA LYS B 295 22.63 -35.11 10.71
C LYS B 295 22.49 -34.76 9.23
N ARG B 296 23.17 -33.70 8.78
CA ARG B 296 23.08 -33.25 7.40
C ARG B 296 24.48 -32.96 6.85
N LYS B 297 24.53 -32.63 5.57
CA LYS B 297 25.78 -32.42 4.84
C LYS B 297 26.23 -30.97 4.98
N PRO B 298 27.49 -30.71 5.32
CA PRO B 298 27.96 -29.33 5.41
C PRO B 298 29.02 -28.95 4.38
N PRO B 299 29.19 -29.66 3.26
CA PRO B 299 30.13 -29.14 2.25
C PRO B 299 29.47 -27.99 1.50
N VAL B 300 30.30 -27.09 0.95
CA VAL B 300 31.77 -27.22 0.88
C VAL B 300 32.42 -25.83 1.00
N PRO B 301 33.58 -25.76 1.66
CA PRO B 301 34.36 -24.52 1.61
C PRO B 301 34.78 -24.18 0.19
N LEU B 302 34.99 -22.89 -0.05
CA LEU B 302 35.34 -22.38 -1.37
C LEU B 302 36.78 -21.89 -1.38
N ASP B 303 37.17 -21.31 -2.52
CA ASP B 303 38.51 -20.77 -2.69
C ASP B 303 38.50 -19.82 -3.87
N TRP B 304 39.06 -18.62 -3.68
CA TRP B 304 39.01 -17.60 -4.71
C TRP B 304 39.75 -18.04 -5.97
N ALA B 305 40.87 -18.73 -5.81
CA ALA B 305 41.65 -19.17 -6.96
C ALA B 305 41.09 -20.44 -7.60
N GLU B 306 40.06 -21.05 -7.01
CA GLU B 306 39.54 -22.33 -7.48
C GLU B 306 38.26 -22.17 -8.31
N VAL B 307 37.28 -21.44 -7.81
CA VAL B 307 36.00 -21.32 -8.51
C VAL B 307 36.06 -20.21 -9.55
N GLN B 308 36.77 -19.12 -9.25
CA GLN B 308 36.85 -18.01 -10.18
C GLN B 308 37.53 -18.40 -11.49
N SER B 309 38.40 -19.41 -11.45
CA SER B 309 39.12 -19.84 -12.64
C SER B 309 38.36 -20.91 -13.43
N GLN B 310 37.68 -21.82 -12.74
CA GLN B 310 36.93 -22.88 -13.40
C GLN B 310 35.68 -22.34 -14.07
N LYS B 328 18.87 -8.67 -17.29
CA LYS B 328 17.67 -9.12 -16.60
C LYS B 328 18.05 -9.90 -15.34
N ASP B 329 17.69 -9.34 -14.19
CA ASP B 329 18.10 -9.90 -12.89
C ASP B 329 17.41 -11.22 -12.56
N GLN B 330 16.50 -11.69 -13.40
CA GLN B 330 15.74 -12.91 -13.11
C GLN B 330 16.49 -14.19 -13.44
N GLN B 331 17.70 -14.10 -13.99
CA GLN B 331 18.47 -15.27 -14.39
C GLN B 331 19.50 -15.60 -13.32
N VAL B 332 19.49 -16.86 -12.87
CA VAL B 332 20.40 -17.31 -11.83
C VAL B 332 21.77 -17.53 -12.45
N LEU B 333 22.77 -16.81 -11.95
CA LEU B 333 24.13 -16.93 -12.47
C LEU B 333 24.86 -18.08 -11.80
N ASP B 334 26.05 -18.39 -12.31
CA ASP B 334 26.87 -19.46 -11.78
C ASP B 334 27.59 -18.98 -10.51
N VAL B 335 28.52 -19.80 -10.02
CA VAL B 335 29.28 -19.42 -8.83
C VAL B 335 30.45 -18.51 -9.21
N LYS B 336 30.93 -18.60 -10.46
CA LYS B 336 32.05 -17.77 -10.87
C LYS B 336 31.65 -16.30 -11.01
N SER B 337 30.38 -16.04 -11.31
CA SER B 337 29.93 -14.66 -11.52
C SER B 337 29.68 -13.94 -10.20
N TYR B 338 29.05 -14.62 -9.24
CA TYR B 338 28.74 -13.99 -7.96
C TYR B 338 30.00 -13.67 -7.16
N ALA B 339 31.11 -14.37 -7.41
CA ALA B 339 32.37 -14.02 -6.76
C ALA B 339 32.96 -12.75 -7.34
N ARG B 340 32.65 -12.44 -8.61
CA ARG B 340 33.13 -11.20 -9.21
C ARG B 340 32.34 -9.99 -8.73
N LEU B 341 31.01 -10.14 -8.63
CA LEU B 341 30.19 -9.06 -8.10
C LEU B 341 30.49 -8.79 -6.63
N PHE B 342 30.90 -9.82 -5.89
CA PHE B 342 31.34 -9.62 -4.51
C PHE B 342 32.58 -8.74 -4.45
N SER B 343 33.51 -8.95 -5.38
CA SER B 343 34.70 -8.09 -5.44
C SER B 343 34.35 -6.70 -5.93
N LYS B 344 33.45 -6.60 -6.91
CA LYS B 344 33.03 -5.29 -7.40
C LYS B 344 32.30 -4.50 -6.34
N SER B 345 31.48 -5.17 -5.52
CA SER B 345 30.71 -4.47 -4.50
C SER B 345 31.60 -3.86 -3.44
N ILE B 346 32.65 -4.58 -3.02
CA ILE B 346 33.54 -4.07 -2.00
C ILE B 346 34.27 -2.82 -2.49
N GLU B 347 34.67 -2.81 -3.76
CA GLU B 347 35.37 -1.65 -4.29
C GLU B 347 34.44 -0.46 -4.47
N THR B 348 33.19 -0.71 -4.86
CA THR B 348 32.23 0.38 -5.02
C THR B 348 31.79 0.91 -3.66
N LEU B 349 31.58 0.02 -2.69
CA LEU B 349 31.22 0.45 -1.34
C LEU B 349 32.40 1.08 -0.61
N ARG B 350 33.62 0.80 -1.04
CA ARG B 350 34.78 1.47 -0.45
C ARG B 350 34.83 2.93 -0.88
N VAL B 351 34.31 3.25 -2.07
CA VAL B 351 34.21 4.64 -2.50
C VAL B 351 33.07 5.35 -1.76
N HIS B 352 31.94 4.67 -1.57
CA HIS B 352 30.86 5.24 -0.79
C HIS B 352 31.23 5.42 0.67
N LEU B 353 32.24 4.70 1.16
CA LEU B 353 32.70 4.84 2.52
C LEU B 353 33.86 5.81 2.67
N ALA B 354 34.59 6.08 1.57
CA ALA B 354 35.71 7.01 1.64
C ALA B 354 35.23 8.46 1.74
N GLU B 355 34.09 8.79 1.13
CA GLU B 355 33.55 10.13 1.27
C GLU B 355 33.18 10.42 2.72
N LYS B 356 32.59 9.44 3.40
CA LYS B 356 32.24 9.60 4.80
C LYS B 356 33.50 9.63 5.66
N GLY B 357 33.36 10.20 6.86
CA GLY B 357 34.49 10.34 7.77
C GLY B 357 34.08 10.10 9.20
N ASP B 358 35.09 10.07 10.06
CA ASP B 358 34.92 9.87 11.51
C ASP B 358 34.19 8.56 11.81
N GLY B 359 34.46 7.54 10.99
CA GLY B 359 33.81 6.25 11.18
C GLY B 359 32.33 6.24 10.90
N ALA B 360 31.88 6.98 9.89
CA ALA B 360 30.46 7.02 9.58
C ALA B 360 30.03 5.73 8.88
N GLU B 361 28.86 5.24 9.24
CA GLU B 361 28.36 3.98 8.72
C GLU B 361 27.52 4.20 7.46
N LEU B 362 27.16 3.10 6.81
CA LEU B 362 26.35 3.12 5.59
C LEU B 362 25.06 2.37 5.86
N ILE B 363 23.93 3.08 5.78
CA ILE B 363 22.63 2.46 5.96
C ILE B 363 22.28 1.67 4.70
N TRP B 364 22.02 0.38 4.87
CA TRP B 364 21.73 -0.47 3.72
C TRP B 364 20.38 -0.11 3.11
N ASP B 365 20.34 -0.02 1.79
CA ASP B 365 19.13 0.29 1.06
C ASP B 365 18.90 -0.79 0.00
N LYS B 366 17.68 -1.30 -0.08
CA LYS B 366 17.36 -2.31 -1.08
C LYS B 366 17.49 -1.75 -2.49
N ASP B 367 17.24 -0.46 -2.66
CA ASP B 367 17.32 0.17 -3.97
C ASP B 367 18.74 0.57 -4.36
N ASP B 368 19.64 0.63 -3.39
CA ASP B 368 21.04 0.96 -3.68
C ASP B 368 21.68 -0.17 -4.48
N PRO B 369 22.19 0.11 -5.69
CA PRO B 369 22.77 -0.98 -6.49
C PRO B 369 23.96 -1.65 -5.83
N SER B 370 24.95 -0.86 -5.39
CA SER B 370 26.15 -1.45 -4.79
C SER B 370 25.82 -2.21 -3.51
N ALA B 371 24.87 -1.70 -2.73
CA ALA B 371 24.45 -2.41 -1.52
C ALA B 371 23.66 -3.66 -1.86
N MET B 372 22.88 -3.63 -2.95
CA MET B 372 22.14 -4.82 -3.38
C MET B 372 23.06 -5.83 -4.04
N ASP B 373 24.06 -5.37 -4.79
CA ASP B 373 25.00 -6.29 -5.42
C ASP B 373 25.80 -7.07 -4.40
N PHE B 374 26.07 -6.46 -3.24
CA PHE B 374 26.83 -7.15 -2.20
C PHE B 374 26.01 -8.25 -1.54
N VAL B 375 24.79 -7.91 -1.10
CA VAL B 375 23.95 -8.88 -0.39
C VAL B 375 23.58 -10.04 -1.31
N THR B 376 23.28 -9.75 -2.57
CA THR B 376 22.93 -10.81 -3.51
C THR B 376 24.11 -11.76 -3.73
N SER B 377 25.29 -11.21 -3.99
CA SER B 377 26.46 -12.04 -4.26
C SER B 377 26.89 -12.80 -3.01
N ALA B 378 26.84 -12.16 -1.84
CA ALA B 378 27.27 -12.83 -0.62
C ALA B 378 26.31 -13.93 -0.21
N ALA B 379 24.99 -13.66 -0.32
CA ALA B 379 24.02 -14.67 0.06
C ALA B 379 24.02 -15.86 -0.90
N ASN B 380 24.31 -15.62 -2.19
CA ASN B 380 24.32 -16.72 -3.16
C ASN B 380 25.57 -17.57 -3.03
N LEU B 381 26.72 -16.95 -2.77
CA LEU B 381 27.95 -17.72 -2.57
C LEU B 381 27.82 -18.62 -1.35
N ARG B 382 27.29 -18.10 -0.24
CA ARG B 382 27.02 -18.95 0.92
C ARG B 382 25.92 -19.95 0.64
N MET B 383 24.95 -19.57 -0.21
CA MET B 383 23.93 -20.52 -0.61
C MET B 383 24.54 -21.69 -1.37
N HIS B 384 25.48 -21.40 -2.28
CA HIS B 384 26.19 -22.48 -2.96
C HIS B 384 27.14 -23.20 -2.02
N ILE B 385 27.67 -22.51 -1.01
CA ILE B 385 28.52 -23.16 -0.03
C ILE B 385 27.78 -24.29 0.67
N PHE B 386 26.59 -23.99 1.21
CA PHE B 386 25.86 -24.97 1.99
C PHE B 386 24.98 -25.85 1.11
N SER B 387 25.47 -26.18 -0.09
CA SER B 387 24.85 -27.09 -1.03
C SER B 387 23.43 -26.67 -1.45
N MET B 388 23.01 -25.46 -1.08
CA MET B 388 21.68 -24.99 -1.46
C MET B 388 21.70 -24.47 -2.90
N ASN B 389 20.61 -24.70 -3.62
CA ASN B 389 20.52 -24.24 -5.00
C ASN B 389 20.35 -22.73 -5.03
N MET B 390 21.23 -22.06 -5.77
CA MET B 390 21.26 -20.60 -5.77
C MET B 390 20.01 -20.02 -6.42
N LYS B 391 19.60 -18.86 -5.92
CA LYS B 391 18.45 -18.13 -6.44
C LYS B 391 18.93 -16.88 -7.19
N SER B 392 17.98 -16.20 -7.82
CA SER B 392 18.28 -15.07 -8.68
C SER B 392 18.39 -13.78 -7.88
N ARG B 393 18.83 -12.72 -8.56
CA ARG B 393 18.92 -11.40 -7.94
C ARG B 393 17.54 -10.74 -7.84
N PHE B 394 16.73 -10.87 -8.89
CA PHE B 394 15.35 -10.39 -8.82
C PHE B 394 14.55 -11.17 -7.78
N ASP B 395 14.88 -12.45 -7.58
CA ASP B 395 14.18 -13.27 -6.61
C ASP B 395 14.59 -12.92 -5.18
N ILE B 396 15.83 -12.46 -4.98
CA ILE B 396 16.31 -12.17 -3.64
C ILE B 396 16.02 -10.73 -3.20
N LYS B 397 15.85 -9.80 -4.15
CA LYS B 397 15.54 -8.42 -3.78
C LYS B 397 14.17 -8.32 -3.09
N SER B 398 13.27 -9.27 -3.38
CA SER B 398 11.98 -9.27 -2.68
C SER B 398 12.11 -9.79 -1.26
N MET B 399 13.09 -10.67 -1.03
CA MET B 399 13.32 -11.21 0.31
C MET B 399 14.30 -10.39 1.12
N ALA B 400 15.20 -9.66 0.47
CA ALA B 400 16.21 -8.88 1.18
C ALA B 400 15.61 -7.63 1.80
N GLY B 401 14.91 -6.83 1.00
CA GLY B 401 14.33 -5.58 1.45
C GLY B 401 12.86 -5.61 1.80
N ASN B 402 12.24 -6.78 1.83
CA ASN B 402 10.81 -6.92 2.14
C ASN B 402 9.97 -6.07 1.19
N ILE B 403 10.20 -6.24 -0.10
CA ILE B 403 9.49 -5.44 -1.11
C ILE B 403 8.04 -5.91 -1.18
N ILE B 404 7.12 -4.98 -0.92
CA ILE B 404 5.69 -5.23 -1.00
C ILE B 404 5.23 -4.80 -2.40
N PRO B 405 4.77 -5.71 -3.25
CA PRO B 405 4.28 -5.32 -4.57
C PRO B 405 3.03 -4.46 -4.43
N ALA B 406 3.05 -3.26 -5.02
CA ALA B 406 1.95 -2.33 -4.96
C ALA B 406 1.68 -1.75 -6.34
N ILE B 407 0.41 -1.51 -6.63
CA ILE B 407 -0.01 -0.96 -7.92
C ILE B 407 -0.82 0.30 -7.65
N ALA B 408 -1.01 1.08 -8.72
CA ALA B 408 -1.67 2.38 -8.59
C ALA B 408 -3.17 2.23 -8.31
N THR B 409 -3.79 1.17 -8.83
CA THR B 409 -5.23 1.01 -8.66
C THR B 409 -5.60 0.71 -7.21
N THR B 410 -4.83 -0.15 -6.55
CA THR B 410 -5.14 -0.51 -5.17
C THR B 410 -4.99 0.69 -4.24
N ASN B 411 -3.98 1.54 -4.49
CA ASN B 411 -3.82 2.75 -3.69
C ASN B 411 -4.97 3.72 -3.93
N ALA B 412 -5.43 3.83 -5.19
CA ALA B 412 -6.50 4.77 -5.51
C ALA B 412 -7.81 4.36 -4.87
N VAL B 413 -8.13 3.06 -4.88
CA VAL B 413 -9.37 2.60 -4.29
C VAL B 413 -9.35 2.81 -2.78
N ILE B 414 -8.23 2.52 -2.13
CA ILE B 414 -8.15 2.67 -0.68
C ILE B 414 -8.22 4.13 -0.28
N ALA B 415 -7.53 5.00 -1.02
CA ALA B 415 -7.55 6.43 -0.68
C ALA B 415 -8.95 7.01 -0.83
N GLY B 416 -9.71 6.54 -1.82
CA GLY B 416 -11.09 6.98 -1.96
C GLY B 416 -11.96 6.54 -0.80
N LEU B 417 -11.67 5.37 -0.22
CA LEU B 417 -12.42 4.91 0.95
C LEU B 417 -12.04 5.69 2.20
N ILE B 418 -10.81 6.21 2.26
CA ILE B 418 -10.39 6.98 3.43
C ILE B 418 -11.20 8.26 3.54
N VAL B 419 -11.29 9.03 2.45
CA VAL B 419 -12.03 10.27 2.47
C VAL B 419 -13.52 10.02 2.69
N LEU B 420 -14.04 8.91 2.13
CA LEU B 420 -15.44 8.56 2.37
C LEU B 420 -15.68 8.29 3.85
N GLU B 421 -14.75 7.59 4.51
CA GLU B 421 -14.87 7.40 5.95
C GLU B 421 -14.62 8.70 6.70
N GLY B 422 -13.74 9.56 6.18
CA GLY B 422 -13.50 10.84 6.82
C GLY B 422 -14.71 11.75 6.76
N LEU B 423 -15.46 11.71 5.66
CA LEU B 423 -16.66 12.53 5.55
C LEU B 423 -17.73 12.09 6.55
N LYS B 424 -17.78 10.80 6.87
CA LYS B 424 -18.72 10.33 7.89
C LYS B 424 -18.28 10.75 9.28
N ILE B 425 -16.97 10.86 9.51
CA ILE B 425 -16.48 11.30 10.81
C ILE B 425 -16.81 12.78 11.04
N LEU B 426 -16.55 13.60 10.02
CA LEU B 426 -16.80 15.04 10.16
C LEU B 426 -18.27 15.38 10.16
N SER B 427 -19.14 14.45 9.75
CA SER B 427 -20.58 14.65 9.78
C SER B 427 -21.19 14.21 11.11
N GLY B 428 -20.36 13.84 12.09
CA GLY B 428 -20.86 13.24 13.31
C GLY B 428 -21.38 11.83 13.15
N LYS B 429 -21.36 11.27 11.94
CA LYS B 429 -21.85 9.93 11.69
C LYS B 429 -20.80 8.88 12.00
N ILE B 430 -20.15 8.99 13.17
CA ILE B 430 -19.19 7.97 13.59
C ILE B 430 -19.89 6.63 13.79
N ASP B 431 -21.19 6.64 14.04
CA ASP B 431 -21.95 5.40 14.13
C ASP B 431 -21.94 4.63 12.81
N GLN B 432 -21.93 5.34 11.69
CA GLN B 432 -21.99 4.72 10.37
C GLN B 432 -20.62 4.31 9.83
N CYS B 433 -19.55 4.56 10.57
CA CYS B 433 -18.22 4.20 10.10
C CYS B 433 -18.05 2.68 10.08
N ARG B 434 -17.29 2.20 9.10
CA ARG B 434 -17.12 0.77 8.88
C ARG B 434 -15.65 0.45 8.63
N THR B 435 -15.30 -0.81 8.84
CA THR B 435 -14.02 -1.36 8.40
C THR B 435 -14.26 -2.05 7.06
N ILE B 436 -13.53 -1.63 6.04
CA ILE B 436 -13.76 -2.06 4.66
C ILE B 436 -12.57 -2.88 4.20
N PHE B 437 -12.84 -4.07 3.68
CA PHE B 437 -11.82 -4.95 3.12
C PHE B 437 -11.93 -4.95 1.60
N LEU B 438 -10.80 -4.73 0.92
CA LEU B 438 -10.71 -4.85 -0.53
C LEU B 438 -10.11 -6.21 -0.86
N ASN B 439 -10.95 -7.13 -1.32
CA ASN B 439 -10.50 -8.46 -1.69
C ASN B 439 -10.10 -8.48 -3.17
N LYS B 440 -9.61 -9.62 -3.64
CA LYS B 440 -9.24 -9.78 -5.03
C LYS B 440 -10.38 -10.32 -5.88
N GLN B 441 -11.17 -11.23 -5.32
CA GLN B 441 -12.33 -11.82 -5.98
C GLN B 441 -13.54 -11.71 -5.07
N PRO B 442 -14.74 -11.70 -5.62
CA PRO B 442 -15.94 -11.54 -4.79
C PRO B 442 -16.15 -12.74 -3.88
N ASN B 443 -16.50 -12.45 -2.62
CA ASN B 443 -16.82 -13.49 -1.65
C ASN B 443 -18.21 -14.03 -1.94
N PRO B 444 -18.63 -15.13 -1.26
CA PRO B 444 -19.97 -15.68 -1.53
C PRO B 444 -21.12 -14.68 -1.41
N ARG B 445 -20.90 -13.57 -0.70
CA ARG B 445 -21.88 -12.50 -0.67
C ARG B 445 -21.78 -11.56 -1.87
N LYS B 446 -20.95 -11.91 -2.86
CA LYS B 446 -20.74 -11.11 -4.06
C LYS B 446 -20.16 -9.74 -3.75
N LYS B 447 -19.58 -9.57 -2.57
CA LYS B 447 -19.04 -8.28 -2.12
C LYS B 447 -17.54 -8.27 -2.36
N LEU B 448 -17.10 -7.49 -3.35
CA LEU B 448 -15.67 -7.28 -3.53
C LEU B 448 -15.11 -6.38 -2.42
N LEU B 449 -15.84 -5.31 -2.09
CA LEU B 449 -15.53 -4.46 -0.94
C LEU B 449 -16.44 -4.89 0.20
N VAL B 450 -15.87 -5.58 1.19
CA VAL B 450 -16.65 -6.14 2.30
C VAL B 450 -16.60 -5.14 3.45
N PRO B 451 -17.72 -4.52 3.83
CA PRO B 451 -17.74 -3.66 5.01
C PRO B 451 -18.18 -4.43 6.26
N CYS B 452 -17.78 -3.89 7.41
CA CYS B 452 -18.16 -4.49 8.69
C CYS B 452 -18.05 -3.43 9.77
N ALA B 453 -18.81 -3.62 10.84
CA ALA B 453 -18.89 -2.63 11.90
C ALA B 453 -17.58 -2.59 12.70
N LEU B 454 -17.35 -1.45 13.35
CA LEU B 454 -16.17 -1.28 14.19
C LEU B 454 -16.37 -1.97 15.53
N ASP B 455 -15.32 -2.61 16.01
CA ASP B 455 -15.39 -3.33 17.28
C ASP B 455 -15.11 -2.39 18.45
N PRO B 456 -15.76 -2.62 19.59
CA PRO B 456 -15.48 -1.81 20.78
C PRO B 456 -14.05 -2.04 21.25
N PRO B 457 -13.50 -1.12 22.06
CA PRO B 457 -12.11 -1.26 22.49
C PRO B 457 -11.89 -2.56 23.26
N ASN B 458 -10.73 -3.16 23.03
CA ASN B 458 -10.36 -4.39 23.72
C ASN B 458 -10.08 -4.08 25.20
N PRO B 459 -10.80 -4.71 26.14
CA PRO B 459 -10.54 -4.42 27.56
C PRO B 459 -9.22 -4.97 28.07
N ASN B 460 -8.51 -5.76 27.27
CA ASN B 460 -7.23 -6.35 27.68
C ASN B 460 -6.07 -5.86 26.83
N CYS B 461 -6.26 -4.78 26.09
CA CYS B 461 -5.17 -4.18 25.33
C CYS B 461 -4.19 -3.49 26.28
N TYR B 462 -2.91 -3.51 25.91
CA TYR B 462 -1.87 -2.90 26.74
C TYR B 462 -1.61 -1.44 26.38
N VAL B 463 -2.48 -0.82 25.58
CA VAL B 463 -2.26 0.56 25.16
C VAL B 463 -3.43 1.45 25.56
N CYS B 464 -4.63 1.10 25.09
CA CYS B 464 -5.80 1.96 25.25
C CYS B 464 -6.70 1.53 26.41
N ALA B 465 -6.27 0.59 27.25
CA ALA B 465 -7.07 0.19 28.39
C ALA B 465 -6.94 1.20 29.51
N SER B 466 -7.69 0.96 30.60
CA SER B 466 -7.68 1.89 31.73
C SER B 466 -6.29 1.96 32.37
N LYS B 467 -5.84 0.86 32.94
CA LYS B 467 -4.50 0.76 33.54
C LYS B 467 -3.78 -0.41 32.90
N PRO B 468 -3.13 -0.20 31.76
CA PRO B 468 -2.43 -1.29 31.10
C PRO B 468 -1.30 -1.84 31.97
N GLU B 469 -1.09 -3.15 31.87
CA GLU B 469 -0.18 -3.83 32.79
C GLU B 469 0.27 -5.13 32.12
N VAL B 470 1.54 -5.19 31.74
CA VAL B 470 2.10 -6.36 31.08
C VAL B 470 3.00 -7.11 32.06
N THR B 471 3.34 -8.34 31.70
CA THR B 471 4.20 -9.20 32.50
C THR B 471 5.32 -9.73 31.61
N VAL B 472 6.56 -9.42 31.97
CA VAL B 472 7.73 -9.79 31.19
C VAL B 472 8.50 -10.87 31.94
N ARG B 473 8.83 -11.96 31.25
CA ARG B 473 9.60 -13.06 31.80
C ARG B 473 11.03 -12.96 31.29
N LEU B 474 11.98 -12.79 32.19
CA LEU B 474 13.38 -12.60 31.80
C LEU B 474 14.28 -13.03 32.95
N ASN B 475 15.58 -13.09 32.66
CA ASN B 475 16.59 -13.41 33.65
C ASN B 475 17.10 -12.12 34.27
N VAL B 476 16.94 -11.97 35.58
CA VAL B 476 17.23 -10.70 36.24
C VAL B 476 18.73 -10.46 36.34
N HIS B 477 19.51 -11.52 36.56
CA HIS B 477 20.95 -11.37 36.73
C HIS B 477 21.70 -11.25 35.41
N LYS B 478 21.03 -11.43 34.28
CA LYS B 478 21.66 -11.32 32.96
C LYS B 478 21.29 -10.05 32.23
N VAL B 479 20.00 -9.69 32.20
CA VAL B 479 19.55 -8.55 31.40
C VAL B 479 20.02 -7.26 32.02
N THR B 480 20.65 -6.41 31.20
CA THR B 480 21.11 -5.10 31.63
C THR B 480 19.97 -4.08 31.52
N VAL B 481 20.20 -2.90 32.08
CA VAL B 481 19.21 -1.83 32.00
C VAL B 481 19.13 -1.28 30.58
N LEU B 482 20.25 -1.27 29.86
CA LEU B 482 20.23 -0.85 28.46
C LEU B 482 19.35 -1.79 27.63
N THR B 483 19.39 -3.08 27.93
CA THR B 483 18.49 -4.02 27.28
C THR B 483 17.04 -3.71 27.63
N LEU B 484 16.79 -3.30 28.88
CA LEU B 484 15.43 -2.92 29.28
C LEU B 484 14.97 -1.70 28.51
N GLN B 485 15.85 -0.72 28.31
CA GLN B 485 15.47 0.51 27.61
C GLN B 485 15.21 0.23 26.13
N ASP B 486 16.21 -0.27 25.42
CA ASP B 486 16.11 -0.39 23.97
C ASP B 486 15.23 -1.56 23.54
N LYS B 487 15.67 -2.78 23.82
CA LYS B 487 15.02 -3.96 23.26
C LYS B 487 13.66 -4.26 23.87
N ILE B 488 13.39 -3.78 25.08
CA ILE B 488 12.15 -4.14 25.76
C ILE B 488 11.15 -3.00 25.71
N VAL B 489 11.51 -1.85 26.27
CA VAL B 489 10.54 -0.75 26.39
C VAL B 489 10.37 -0.02 25.07
N LYS B 490 11.49 0.31 24.40
CA LYS B 490 11.44 1.10 23.18
C LYS B 490 11.15 0.29 21.93
N GLU B 491 11.57 -0.98 21.88
CA GLU B 491 11.39 -1.79 20.68
C GLU B 491 10.13 -2.63 20.74
N LYS B 492 10.00 -3.48 21.76
CA LYS B 492 8.86 -4.38 21.85
C LYS B 492 7.58 -3.61 22.17
N PHE B 493 7.67 -2.61 23.05
CA PHE B 493 6.51 -1.83 23.47
C PHE B 493 6.38 -0.51 22.72
N ALA B 494 7.33 -0.18 21.84
CA ALA B 494 7.20 0.93 20.90
C ALA B 494 7.05 2.28 21.61
N MET B 495 7.86 2.50 22.65
CA MET B 495 7.93 3.80 23.29
C MET B 495 9.05 4.62 22.67
N VAL B 496 8.81 5.93 22.51
CA VAL B 496 9.78 6.81 21.90
C VAL B 496 10.80 7.26 22.94
N ALA B 497 10.38 8.15 23.84
CA ALA B 497 11.22 8.63 24.94
C ALA B 497 10.66 8.11 26.24
N PRO B 498 11.16 6.97 26.74
CA PRO B 498 10.56 6.35 27.92
C PRO B 498 11.14 6.84 29.24
N ASP B 499 10.32 6.71 30.28
CA ASP B 499 10.71 6.99 31.66
C ASP B 499 10.26 5.81 32.51
N VAL B 500 11.22 5.07 33.05
CA VAL B 500 10.95 3.86 33.81
C VAL B 500 11.44 4.05 35.23
N GLN B 501 10.59 3.75 36.20
CA GLN B 501 10.94 3.79 37.61
C GLN B 501 10.47 2.50 38.28
N ILE B 502 11.01 2.24 39.46
CA ILE B 502 10.70 1.03 40.22
C ILE B 502 9.62 1.34 41.24
N GLU B 503 8.57 0.53 41.27
CA GLU B 503 7.52 0.64 42.26
C GLU B 503 8.02 0.18 43.62
N ASP B 504 8.55 1.11 44.43
CA ASP B 504 9.04 0.72 45.75
C ASP B 504 8.97 1.86 46.77
N GLY B 505 8.16 2.89 46.54
CA GLY B 505 8.02 4.01 47.45
C GLY B 505 9.02 5.12 47.24
N LYS B 506 10.30 4.77 47.06
CA LYS B 506 11.33 5.77 46.84
C LYS B 506 11.37 6.27 45.40
N GLY B 507 10.84 5.49 44.46
CA GLY B 507 10.84 5.89 43.07
C GLY B 507 12.21 5.74 42.43
N THR B 508 12.79 4.55 42.55
CA THR B 508 14.12 4.28 42.00
C THR B 508 14.14 4.48 40.50
N ILE B 509 14.81 5.54 40.04
CA ILE B 509 14.81 5.88 38.63
C ILE B 509 15.72 4.91 37.87
N LEU B 510 15.15 4.17 36.93
CA LEU B 510 15.92 3.30 36.07
C LEU B 510 16.32 3.99 34.77
N ILE B 511 15.35 4.54 34.06
CA ILE B 511 15.58 5.18 32.77
C ILE B 511 14.93 6.56 32.81
N SER B 512 15.66 7.57 32.36
CA SER B 512 15.17 8.94 32.31
C SER B 512 15.07 9.41 30.86
N SER B 513 14.08 10.26 30.59
CA SER B 513 13.86 10.75 29.23
C SER B 513 14.99 11.66 28.79
N GLU B 514 15.51 12.50 29.68
CA GLU B 514 16.55 13.43 29.31
C GLU B 514 17.86 12.69 29.00
N GLU B 515 18.72 13.35 28.24
CA GLU B 515 19.93 12.71 27.72
C GLU B 515 20.87 12.30 28.84
N GLY B 516 21.26 11.03 28.83
CA GLY B 516 22.35 10.54 29.66
C GLY B 516 22.15 10.62 31.16
N GLU B 517 20.93 10.93 31.61
CA GLU B 517 20.67 10.95 33.05
C GLU B 517 20.83 9.57 33.68
N THR B 518 20.71 8.50 32.89
CA THR B 518 20.78 7.14 33.42
C THR B 518 21.80 6.29 32.67
N GLU B 519 22.75 6.91 31.97
CA GLU B 519 23.77 6.15 31.26
C GLU B 519 24.67 5.38 32.22
N ALA B 520 24.79 5.82 33.47
CA ALA B 520 25.53 5.06 34.46
C ALA B 520 24.81 3.78 34.88
N ASN B 521 23.57 3.59 34.42
CA ASN B 521 22.81 2.38 34.74
C ASN B 521 22.72 1.40 33.59
N ASN B 522 23.01 1.82 32.36
CA ASN B 522 22.80 0.96 31.19
C ASN B 522 23.57 -0.35 31.33
N HIS B 523 24.85 -0.26 31.71
CA HIS B 523 25.65 -1.48 31.85
C HIS B 523 25.25 -2.30 33.07
N LYS B 524 24.63 -1.69 34.07
CA LYS B 524 24.26 -2.40 35.28
C LYS B 524 23.16 -3.43 35.00
N LYS B 525 23.21 -4.53 35.72
CA LYS B 525 22.16 -5.53 35.64
C LYS B 525 20.94 -5.09 36.44
N LEU B 526 19.79 -5.70 36.11
CA LEU B 526 18.56 -5.36 36.82
C LEU B 526 18.62 -5.80 38.28
N SER B 527 19.31 -6.90 38.58
CA SER B 527 19.41 -7.37 39.95
C SER B 527 20.22 -6.43 40.83
N GLU B 528 20.97 -5.51 40.24
CA GLU B 528 21.74 -4.54 41.02
C GLU B 528 20.87 -3.44 41.60
N PHE B 529 19.60 -3.35 41.21
CA PHE B 529 18.66 -2.36 41.73
C PHE B 529 17.60 -3.00 42.62
N GLY B 530 17.88 -4.18 43.17
CA GLY B 530 16.89 -4.87 43.98
C GLY B 530 15.73 -5.46 43.20
N ILE B 531 15.77 -5.40 41.87
CA ILE B 531 14.71 -5.98 41.06
C ILE B 531 14.69 -7.48 41.23
N ARG B 532 13.52 -8.04 41.53
CA ARG B 532 13.40 -9.44 41.88
C ARG B 532 12.17 -10.00 41.16
N ASN B 533 11.84 -11.26 41.46
CA ASN B 533 10.64 -11.87 40.91
C ASN B 533 9.41 -11.16 41.46
N GLY B 534 8.64 -10.55 40.57
CA GLY B 534 7.47 -9.78 40.96
C GLY B 534 7.69 -8.28 41.03
N SER B 535 8.89 -7.80 40.73
CA SER B 535 9.15 -6.37 40.76
C SER B 535 8.31 -5.66 39.70
N ARG B 536 7.71 -4.54 40.09
CA ARG B 536 6.85 -3.77 39.21
C ARG B 536 7.58 -2.52 38.74
N LEU B 537 7.65 -2.33 37.43
CA LEU B 537 8.25 -1.16 36.82
C LEU B 537 7.16 -0.32 36.17
N GLN B 538 7.17 0.98 36.41
CA GLN B 538 6.21 1.90 35.83
C GLN B 538 6.87 2.61 34.66
N ALA B 539 6.49 2.23 33.44
CA ALA B 539 7.05 2.83 32.23
C ALA B 539 6.16 3.98 31.79
N ASP B 540 6.78 5.13 31.51
CA ASP B 540 6.06 6.34 31.13
C ASP B 540 6.68 6.92 29.88
N ASP B 541 5.83 7.22 28.89
CA ASP B 541 6.22 7.92 27.67
C ASP B 541 5.31 9.14 27.59
N PHE B 542 5.76 10.25 28.19
CA PHE B 542 4.94 11.46 28.22
C PHE B 542 4.72 12.05 26.84
N LEU B 543 5.58 11.74 25.87
CA LEU B 543 5.33 12.16 24.50
C LEU B 543 4.04 11.53 23.98
N GLN B 544 3.83 10.26 24.26
CA GLN B 544 2.62 9.55 23.87
C GLN B 544 1.50 9.66 24.91
N ASP B 545 1.77 10.29 26.05
CA ASP B 545 0.83 10.33 27.17
C ASP B 545 0.37 8.93 27.54
N TYR B 546 1.35 8.02 27.67
CA TYR B 546 1.08 6.61 27.85
C TYR B 546 1.86 6.10 29.05
N THR B 547 1.17 5.33 29.90
CA THR B 547 1.78 4.76 31.11
C THR B 547 1.53 3.26 31.12
N LEU B 548 2.60 2.49 31.25
CA LEU B 548 2.52 1.03 31.24
C LEU B 548 3.24 0.47 32.45
N LEU B 549 2.60 -0.47 33.13
CA LEU B 549 3.18 -1.17 34.27
C LEU B 549 3.73 -2.51 33.81
N ILE B 550 5.00 -2.76 34.11
CA ILE B 550 5.71 -3.94 33.64
C ILE B 550 5.99 -4.83 34.84
N ASN B 551 5.32 -5.98 34.92
CA ASN B 551 5.59 -6.96 35.95
C ASN B 551 6.78 -7.83 35.54
N ILE B 552 7.72 -8.02 36.46
CA ILE B 552 8.95 -8.75 36.20
C ILE B 552 8.83 -10.14 36.78
N LEU B 553 9.10 -11.16 35.96
CA LEU B 553 9.15 -12.55 36.40
C LEU B 553 10.55 -13.09 36.12
N HIS B 554 11.19 -13.65 37.14
CA HIS B 554 12.55 -14.14 37.04
C HIS B 554 12.55 -15.58 36.57
N SER B 555 13.14 -15.84 35.40
CA SER B 555 13.24 -17.18 34.85
C SER B 555 14.61 -17.36 34.21
N GLU B 556 15.20 -18.53 34.43
CA GLU B 556 16.51 -18.85 33.90
C GLU B 556 16.47 -19.93 32.83
N ASP B 557 15.28 -20.41 32.46
CA ASP B 557 15.10 -21.44 31.44
C ASP B 557 14.43 -20.79 30.23
N LEU B 558 15.22 -20.08 29.44
CA LEU B 558 14.69 -19.36 28.28
C LEU B 558 15.44 -19.71 27.01
N GLY B 559 16.74 -19.94 27.12
CA GLY B 559 17.59 -20.17 25.96
C GLY B 559 18.55 -19.01 25.80
N LYS B 560 19.77 -19.32 25.37
CA LYS B 560 20.80 -18.30 25.27
C LYS B 560 20.55 -17.29 24.15
N ASP B 561 19.62 -17.59 23.23
CA ASP B 561 19.26 -16.64 22.19
C ASP B 561 17.99 -15.86 22.53
N VAL B 562 17.27 -16.25 23.57
CA VAL B 562 16.05 -15.56 24.00
C VAL B 562 16.39 -14.75 25.25
N GLU B 563 16.17 -13.43 25.18
CA GLU B 563 16.44 -12.57 26.31
C GLU B 563 15.21 -12.33 27.19
N PHE B 564 14.02 -12.32 26.58
CA PHE B 564 12.79 -12.09 27.33
C PHE B 564 11.62 -12.60 26.51
N GLU B 565 10.44 -12.58 27.13
CA GLU B 565 9.21 -12.93 26.45
C GLU B 565 8.04 -12.38 27.25
N VAL B 566 6.97 -12.02 26.54
CA VAL B 566 5.75 -11.48 27.13
C VAL B 566 4.74 -12.62 27.28
N VAL B 567 3.99 -12.58 28.39
CA VAL B 567 2.97 -13.60 28.64
C VAL B 567 1.75 -13.30 27.79
N GLY B 568 1.69 -13.88 26.60
CA GLY B 568 0.57 -13.66 25.69
C GLY B 568 0.92 -13.93 24.24
#